data_5MWJ
#
_entry.id   5MWJ
#
_cell.length_a   58.940
_cell.length_b   57.000
_cell.length_c   104.140
_cell.angle_alpha   90.00
_cell.angle_beta   103.01
_cell.angle_gamma   90.00
#
_symmetry.space_group_name_H-M   'P 1 21 1'
#
loop_
_entity.id
_entity.type
_entity.pdbx_description
1 polymer 'Transducin-like enhancer protein 1'
2 non-polymer 'DIMETHYL SULFOXIDE'
3 non-polymer 'pepide inhibtor'
4 water water
#
_entity_poly.entity_id   1
_entity_poly.type   'polypeptide(L)'
_entity_poly.pdbx_seq_one_letter_code
;DYFQGAMGSKPAYSFHVTADGQMQPVPFPPDALIGPGIPRHARQINTLNHGEVVCAVTISNPTRHVYTGGKGCVKVWDIS
HPGNKSPVSQLDCLNRDNYIRSCKLLPDGCTLIVGGEASTLSIWDLAAPTPRIKAELTSSAPACYALAISPDSKVCFSCC
SDGNIAVWDLHNQTLVRQFQGHTDGASCIDISNDGTKLWTGGLDNTVRSWDLREGRQLQQHDFTSQIFSLGYCPTGEWLA
VGMESSNVEVLHVNKPDKYQLHLHESCVLSLKFAYCGKWFVSTGKDNLLNAWRTPYGASIFQSKESSSVLSCDISVDDKY
IVTGSGDKKATVYEVIY
;
_entity_poly.pdbx_strand_id   A,B
#
loop_
_chem_comp.id
_chem_comp.type
_chem_comp.name
_chem_comp.formula
DMS non-polymer 'DIMETHYL SULFOXIDE' 'C2 H6 O S'
EBU non-polymer 'pepide inhibtor' 'C46 H56 N10 O6'
#
# COMPACT_ATOMS: atom_id res chain seq x y z
N TYR A 2 5.46 15.82 3.68
CA TYR A 2 6.15 14.52 3.66
C TYR A 2 5.19 13.35 3.76
N PHE A 3 5.47 12.29 2.96
CA PHE A 3 4.68 11.08 2.85
C PHE A 3 5.50 9.85 3.12
N GLN A 4 4.85 8.79 3.62
CA GLN A 4 5.51 7.53 3.95
C GLN A 4 4.73 6.40 3.32
N GLY A 5 5.45 5.35 2.93
CA GLY A 5 4.84 4.15 2.37
C GLY A 5 3.96 3.42 3.38
N ALA A 6 2.94 2.74 2.88
CA ALA A 6 2.01 1.90 3.63
C ALA A 6 1.62 0.79 2.67
N MET A 7 1.88 -0.45 3.06
CA MET A 7 1.64 -1.59 2.18
C MET A 7 0.17 -1.97 2.18
N GLY A 8 -0.35 -2.28 0.99
CA GLY A 8 -1.71 -2.74 0.79
C GLY A 8 -1.63 -4.03 0.01
N SER A 9 -2.77 -4.68 -0.16
CA SER A 9 -2.88 -5.91 -0.96
C SER A 9 -4.19 -5.90 -1.73
N LYS A 10 -4.20 -6.58 -2.86
CA LYS A 10 -5.36 -6.64 -3.72
C LYS A 10 -5.50 -8.06 -4.20
N PRO A 11 -6.73 -8.55 -4.55
CA PRO A 11 -6.83 -9.89 -5.18
C PRO A 11 -5.89 -9.88 -6.40
N ALA A 12 -5.24 -11.03 -6.70
CA ALA A 12 -4.27 -11.17 -7.82
C ALA A 12 -4.70 -10.42 -9.07
N TYR A 13 -3.88 -9.41 -9.48
CA TYR A 13 -4.13 -8.53 -10.64
C TYR A 13 -3.02 -8.63 -11.74
N SER A 14 -1.88 -9.29 -11.46
CA SER A 14 -0.78 -9.46 -12.38
C SER A 14 -0.53 -10.95 -12.57
N PHE A 15 -0.60 -11.40 -13.84
CA PHE A 15 -0.49 -12.80 -14.22
C PHE A 15 0.56 -13.05 -15.30
N HIS A 16 1.20 -14.24 -15.24
CA HIS A 16 2.16 -14.74 -16.23
C HIS A 16 1.28 -15.49 -17.19
N VAL A 17 1.39 -15.23 -18.49
CA VAL A 17 0.60 -15.94 -19.50
C VAL A 17 1.51 -16.88 -20.29
N THR A 18 1.15 -18.19 -20.30
CA THR A 18 1.88 -19.25 -21.00
C THR A 18 0.91 -20.36 -21.36
N GLN A 22 -3.38 -19.59 -20.86
CA GLN A 22 -3.43 -19.96 -19.45
C GLN A 22 -2.76 -18.91 -18.59
N MET A 23 -3.24 -18.74 -17.35
CA MET A 23 -2.74 -17.70 -16.45
C MET A 23 -2.41 -18.19 -15.04
N GLN A 24 -1.27 -17.70 -14.51
CA GLN A 24 -0.82 -18.00 -13.15
C GLN A 24 -0.39 -16.68 -12.50
N PRO A 25 -0.86 -16.35 -11.27
CA PRO A 25 -0.45 -15.08 -10.63
C PRO A 25 1.05 -14.98 -10.42
N VAL A 26 1.60 -13.77 -10.59
CA VAL A 26 3.03 -13.50 -10.46
C VAL A 26 3.51 -13.46 -9.00
N PRO A 27 4.51 -14.30 -8.60
CA PRO A 27 5.09 -14.15 -7.27
C PRO A 27 6.14 -13.03 -7.35
N PHE A 28 5.89 -11.88 -6.68
CA PHE A 28 6.77 -10.71 -6.80
C PHE A 28 8.12 -10.86 -6.12
N PRO A 29 9.23 -10.47 -6.81
CA PRO A 29 10.55 -10.51 -6.16
C PRO A 29 10.63 -9.41 -5.10
N PRO A 30 11.68 -9.32 -4.24
CA PRO A 30 11.69 -8.29 -3.18
C PRO A 30 11.82 -6.85 -3.66
N ASP A 31 12.32 -6.64 -4.88
CA ASP A 31 12.50 -5.29 -5.42
C ASP A 31 11.30 -4.82 -6.29
N ALA A 32 10.18 -5.58 -6.25
CA ALA A 32 8.95 -5.24 -6.99
C ALA A 32 8.31 -3.89 -6.59
N LEU A 33 8.16 -3.64 -5.29
CA LEU A 33 7.45 -2.45 -4.81
C LEU A 33 8.33 -1.36 -4.19
N ILE A 34 9.61 -1.67 -3.92
CA ILE A 34 10.59 -0.78 -3.27
C ILE A 34 11.96 -0.98 -3.92
N GLY A 35 12.71 0.10 -4.13
CA GLY A 35 14.07 0.04 -4.64
C GLY A 35 14.57 1.36 -5.16
N PRO A 36 15.87 1.44 -5.55
CA PRO A 36 16.41 2.71 -6.08
C PRO A 36 15.70 3.03 -7.39
N GLY A 37 15.32 4.29 -7.59
CA GLY A 37 14.62 4.67 -8.80
C GLY A 37 13.16 4.30 -8.85
N ILE A 38 12.64 3.58 -7.83
CA ILE A 38 11.24 3.17 -7.72
C ILE A 38 10.50 4.25 -6.94
N PRO A 39 9.50 4.93 -7.54
CA PRO A 39 8.81 6.00 -6.79
C PRO A 39 8.10 5.48 -5.56
N ARG A 40 7.94 6.33 -4.56
CA ARG A 40 7.18 5.99 -3.36
C ARG A 40 5.73 6.44 -3.56
N HIS A 41 5.55 7.61 -4.18
CA HIS A 41 4.24 8.16 -4.48
C HIS A 41 4.34 9.34 -5.45
N ALA A 42 3.18 9.85 -5.85
CA ALA A 42 3.11 10.98 -6.75
C ALA A 42 2.20 11.99 -6.10
N ARG A 43 2.69 13.22 -6.06
CA ARG A 43 1.99 14.31 -5.39
C ARG A 43 1.51 15.33 -6.40
N GLN A 44 0.21 15.63 -6.39
CA GLN A 44 -0.33 16.65 -7.28
C GLN A 44 0.21 18.01 -6.84
N ILE A 45 0.78 18.75 -7.79
CA ILE A 45 1.36 20.08 -7.51
C ILE A 45 0.70 21.19 -8.34
N ASN A 46 0.02 20.84 -9.45
CA ASN A 46 -0.62 21.83 -10.30
C ASN A 46 -1.78 21.29 -11.01
N THR A 47 -2.74 22.18 -11.35
CA THR A 47 -3.90 21.93 -12.17
C THR A 47 -3.84 23.01 -13.25
N LEU A 48 -3.85 22.57 -14.51
CA LEU A 48 -3.79 23.45 -15.68
C LEU A 48 -5.18 23.50 -16.34
N ASN A 49 -5.97 24.55 -16.05
CA ASN A 49 -7.35 24.71 -16.53
C ASN A 49 -7.45 25.13 -18.00
N HIS A 50 -7.14 24.15 -18.90
CA HIS A 50 -7.20 24.31 -20.36
C HIS A 50 -8.61 24.71 -20.80
N GLY A 51 -9.62 23.99 -20.30
CA GLY A 51 -11.01 24.30 -20.61
C GLY A 51 -11.60 23.52 -21.77
N GLU A 52 -10.82 22.61 -22.35
CA GLU A 52 -11.24 21.69 -23.40
C GLU A 52 -10.64 20.37 -22.98
N VAL A 53 -11.18 19.28 -23.53
CA VAL A 53 -10.65 17.95 -23.23
C VAL A 53 -9.15 17.95 -23.64
N VAL A 54 -8.26 17.58 -22.70
CA VAL A 54 -6.82 17.56 -22.98
C VAL A 54 -6.39 16.17 -23.49
N CYS A 55 -6.30 16.04 -24.82
CA CYS A 55 -5.97 14.81 -25.54
C CYS A 55 -4.47 14.52 -25.63
N ALA A 56 -3.63 15.56 -25.60
CA ALA A 56 -2.18 15.46 -25.70
C ALA A 56 -1.51 16.35 -24.67
N VAL A 57 -0.44 15.88 -24.07
CA VAL A 57 0.37 16.62 -23.08
C VAL A 57 1.85 16.30 -23.32
N THR A 58 2.72 17.30 -23.21
CA THR A 58 4.16 17.12 -23.30
C THR A 58 4.84 18.08 -22.31
N ILE A 59 5.97 17.65 -21.77
CA ILE A 59 6.69 18.43 -20.78
C ILE A 59 8.00 18.85 -21.40
N SER A 60 8.41 20.11 -21.18
CA SER A 60 9.66 20.64 -21.74
C SER A 60 10.90 19.98 -21.10
N ASN A 61 12.02 20.09 -21.77
CA ASN A 61 13.31 19.58 -21.34
C ASN A 61 14.34 20.73 -21.54
N PRO A 62 14.81 21.42 -20.47
CA PRO A 62 14.55 21.17 -19.03
C PRO A 62 13.12 21.43 -18.58
N THR A 63 12.66 20.75 -17.51
CA THR A 63 11.31 20.95 -17.00
C THR A 63 11.09 22.41 -16.58
N ARG A 64 10.10 23.07 -17.18
CA ARG A 64 9.72 24.46 -16.93
C ARG A 64 8.35 24.70 -17.50
N HIS A 65 8.11 24.24 -18.75
CA HIS A 65 6.84 24.40 -19.47
C HIS A 65 6.11 23.10 -19.74
N VAL A 66 4.77 23.16 -19.64
CA VAL A 66 3.83 22.06 -19.96
C VAL A 66 2.97 22.54 -21.11
N TYR A 67 2.87 21.72 -22.15
CA TYR A 67 2.08 21.96 -23.37
C TYR A 67 0.87 21.07 -23.31
N THR A 68 -0.35 21.66 -23.33
CA THR A 68 -1.60 20.92 -23.30
C THR A 68 -2.36 21.07 -24.64
N GLY A 69 -2.78 19.95 -25.23
CA GLY A 69 -3.51 19.92 -26.50
C GLY A 69 -5.00 19.72 -26.33
N GLY A 70 -5.76 20.72 -26.71
CA GLY A 70 -7.24 20.70 -26.63
C GLY A 70 -7.86 20.99 -27.97
N LYS A 71 -9.05 21.63 -27.97
CA LYS A 71 -9.77 21.97 -29.19
C LYS A 71 -9.10 23.16 -29.90
N GLY A 72 -8.53 22.88 -31.06
CA GLY A 72 -7.86 23.83 -31.94
C GLY A 72 -6.53 24.40 -31.50
N CYS A 73 -6.22 24.38 -30.18
CA CYS A 73 -5.00 25.01 -29.71
C CYS A 73 -4.17 24.21 -28.73
N VAL A 74 -2.91 24.64 -28.62
CA VAL A 74 -1.93 24.14 -27.66
C VAL A 74 -1.71 25.30 -26.65
N LYS A 75 -1.86 25.02 -25.35
CA LYS A 75 -1.62 26.04 -24.32
C LYS A 75 -0.32 25.73 -23.63
N VAL A 76 0.52 26.76 -23.39
CA VAL A 76 1.85 26.61 -22.77
C VAL A 76 1.77 27.15 -21.35
N TRP A 77 2.17 26.35 -20.34
CA TRP A 77 2.05 26.68 -18.91
C TRP A 77 3.40 26.72 -18.24
N ASP A 78 3.65 27.74 -17.44
CA ASP A 78 4.91 27.86 -16.72
C ASP A 78 4.67 27.25 -15.35
N ILE A 79 5.23 26.03 -15.10
CA ILE A 79 4.98 25.29 -13.87
C ILE A 79 6.04 25.55 -12.77
N SER A 80 6.47 26.82 -12.59
CA SER A 80 7.42 27.19 -11.54
C SER A 80 6.87 28.31 -10.63
N SER A 86 -2.48 30.38 -15.02
CA SER A 86 -2.85 30.94 -16.32
C SER A 86 -1.79 30.58 -17.41
N PRO A 87 -2.18 30.28 -18.68
CA PRO A 87 -1.15 29.96 -19.69
C PRO A 87 -0.28 31.16 -20.07
N VAL A 88 1.03 30.91 -20.31
CA VAL A 88 1.98 31.98 -20.68
C VAL A 88 1.87 32.34 -22.17
N SER A 89 1.35 31.40 -22.97
CA SER A 89 1.08 31.56 -24.41
C SER A 89 0.12 30.49 -24.96
N GLN A 90 -0.46 30.77 -26.13
CA GLN A 90 -1.41 29.92 -26.82
C GLN A 90 -0.98 29.77 -28.29
N LEU A 91 -0.96 28.53 -28.78
CA LEU A 91 -0.54 28.15 -30.12
C LEU A 91 -1.76 27.68 -30.93
N ASP A 92 -2.29 28.53 -31.81
CA ASP A 92 -3.47 28.17 -32.62
C ASP A 92 -3.02 27.39 -33.86
N CYS A 93 -3.23 26.05 -33.86
CA CYS A 93 -2.72 25.12 -34.87
C CYS A 93 -3.73 24.69 -35.94
N LEU A 94 -5.01 24.45 -35.53
CA LEU A 94 -6.05 24.00 -36.44
C LEU A 94 -7.43 24.56 -36.07
N ASN A 95 -8.47 24.26 -36.89
CA ASN A 95 -9.86 24.70 -36.71
C ASN A 95 -10.29 24.52 -35.26
N ARG A 96 -10.74 25.61 -34.60
CA ARG A 96 -11.12 25.64 -33.18
C ARG A 96 -12.20 24.62 -32.75
N ASP A 97 -12.74 23.84 -33.72
CA ASP A 97 -13.75 22.81 -33.49
C ASP A 97 -13.15 21.36 -33.40
N ASN A 98 -11.87 21.21 -33.78
CA ASN A 98 -11.18 19.92 -33.81
C ASN A 98 -10.07 19.79 -32.79
N TYR A 99 -9.90 18.59 -32.25
CA TYR A 99 -8.90 18.29 -31.23
C TYR A 99 -7.47 18.08 -31.71
N ILE A 100 -6.51 18.50 -30.89
CA ILE A 100 -5.08 18.25 -31.08
C ILE A 100 -4.97 16.83 -30.53
N ARG A 101 -4.28 15.91 -31.24
CA ARG A 101 -4.19 14.50 -30.82
C ARG A 101 -2.82 14.12 -30.33
N SER A 102 -1.79 14.90 -30.70
CA SER A 102 -0.42 14.62 -30.32
C SER A 102 0.46 15.83 -30.51
N CYS A 103 1.35 16.10 -29.55
CA CYS A 103 2.33 17.17 -29.67
C CYS A 103 3.63 16.74 -29.08
N LYS A 104 4.67 16.67 -29.90
CA LYS A 104 6.00 16.20 -29.53
C LYS A 104 7.05 17.26 -29.72
N LEU A 105 7.88 17.45 -28.69
CA LEU A 105 9.00 18.39 -28.71
C LEU A 105 10.23 17.68 -29.26
N LEU A 106 11.10 18.44 -29.93
CA LEU A 106 12.34 17.87 -30.43
C LEU A 106 13.39 17.93 -29.30
N PRO A 107 14.32 16.93 -29.23
CA PRO A 107 15.31 16.88 -28.12
C PRO A 107 15.85 18.21 -27.57
N ASP A 108 16.30 19.15 -28.44
CA ASP A 108 16.82 20.46 -28.03
C ASP A 108 15.80 21.28 -27.26
N GLY A 109 14.54 21.19 -27.68
CA GLY A 109 13.40 21.85 -27.04
C GLY A 109 12.96 23.16 -27.64
N CYS A 110 13.53 23.53 -28.81
CA CYS A 110 13.18 24.77 -29.49
C CYS A 110 12.11 24.55 -30.57
N THR A 111 11.71 23.29 -30.82
CA THR A 111 10.71 22.97 -31.85
C THR A 111 9.62 22.01 -31.34
N LEU A 112 8.36 22.28 -31.72
CA LEU A 112 7.19 21.47 -31.33
C LEU A 112 6.44 21.02 -32.58
N ILE A 113 6.04 19.74 -32.63
CA ILE A 113 5.28 19.16 -33.73
C ILE A 113 3.92 18.77 -33.20
N VAL A 114 2.88 19.38 -33.77
CA VAL A 114 1.50 19.23 -33.39
C VAL A 114 0.71 18.53 -34.48
N GLY A 115 0.04 17.46 -34.08
CA GLY A 115 -0.84 16.67 -34.93
C GLY A 115 -2.24 16.59 -34.33
N GLY A 116 -3.21 16.29 -35.17
CA GLY A 116 -4.58 16.20 -34.71
C GLY A 116 -5.60 15.86 -35.78
N GLU A 117 -6.83 16.28 -35.53
CA GLU A 117 -8.01 16.12 -36.38
C GLU A 117 -8.05 17.19 -37.49
N ALA A 118 -7.02 17.18 -38.34
CA ALA A 118 -6.79 18.03 -39.50
C ALA A 118 -5.72 17.32 -40.37
N SER A 119 -5.70 17.58 -41.67
CA SER A 119 -4.74 16.93 -42.57
C SER A 119 -3.28 17.37 -42.39
N THR A 120 -3.03 18.50 -41.69
CA THR A 120 -1.68 19.03 -41.55
C THR A 120 -1.07 18.91 -40.13
N LEU A 121 0.29 18.79 -40.11
CA LEU A 121 1.10 18.73 -38.91
C LEU A 121 1.83 20.07 -38.88
N SER A 122 1.72 20.82 -37.77
CA SER A 122 2.41 22.11 -37.67
C SER A 122 3.71 22.01 -36.90
N ILE A 123 4.77 22.62 -37.46
CA ILE A 123 6.10 22.63 -36.87
C ILE A 123 6.28 24.04 -36.32
N TRP A 124 6.23 24.16 -34.99
CA TRP A 124 6.31 25.45 -34.30
C TRP A 124 7.69 25.78 -33.83
N ASP A 125 8.12 27.04 -34.03
CA ASP A 125 9.39 27.56 -33.53
C ASP A 125 9.15 28.19 -32.16
N LEU A 126 10.01 27.88 -31.18
CA LEU A 126 9.91 28.37 -29.81
C LEU A 126 11.19 29.11 -29.39
N PRO A 131 6.12 32.79 -30.35
CA PRO A 131 6.18 31.56 -31.15
C PRO A 131 5.39 31.61 -32.45
N ARG A 132 5.92 30.99 -33.51
CA ARG A 132 5.28 30.98 -34.83
C ARG A 132 5.44 29.65 -35.55
N ILE A 133 4.55 29.39 -36.55
CA ILE A 133 4.59 28.18 -37.39
C ILE A 133 5.78 28.34 -38.34
N LYS A 134 6.78 27.49 -38.16
CA LYS A 134 7.98 27.43 -39.00
C LYS A 134 7.61 26.81 -40.37
N ALA A 135 6.79 25.75 -40.35
CA ALA A 135 6.35 25.00 -41.52
C ALA A 135 5.10 24.18 -41.23
N GLU A 136 4.48 23.61 -42.27
CA GLU A 136 3.28 22.77 -42.15
C GLU A 136 3.35 21.58 -43.11
N LEU A 137 3.57 20.38 -42.59
CA LEU A 137 3.60 19.14 -43.38
C LEU A 137 2.14 18.79 -43.72
N THR A 138 1.80 18.66 -45.01
CA THR A 138 0.43 18.36 -45.42
C THR A 138 0.28 16.89 -45.85
N SER A 139 -0.51 16.13 -45.08
CA SER A 139 -0.81 14.72 -45.34
C SER A 139 -2.11 14.57 -46.16
N SER A 140 -2.28 13.39 -46.81
CA SER A 140 -3.48 13.05 -47.59
C SER A 140 -4.60 12.58 -46.66
N ALA A 141 -4.23 12.05 -45.49
CA ALA A 141 -5.15 11.54 -44.48
C ALA A 141 -5.94 12.67 -43.78
N PRO A 142 -7.20 12.44 -43.38
CA PRO A 142 -7.96 13.53 -42.71
C PRO A 142 -7.51 13.82 -41.27
N ALA A 143 -6.82 12.85 -40.63
CA ALA A 143 -6.37 13.02 -39.25
C ALA A 143 -5.09 12.26 -38.91
N CYS A 144 -4.36 12.75 -37.88
CA CYS A 144 -3.15 12.16 -37.27
C CYS A 144 -3.56 11.83 -35.84
N TYR A 145 -3.44 10.56 -35.43
CA TYR A 145 -3.82 10.13 -34.10
C TYR A 145 -2.64 10.03 -33.14
N ALA A 146 -1.40 9.89 -33.65
CA ALA A 146 -0.21 9.74 -32.83
C ALA A 146 1.03 10.12 -33.62
N LEU A 147 2.02 10.70 -32.96
CA LEU A 147 3.32 11.11 -33.52
C LEU A 147 4.47 10.49 -32.73
N ALA A 148 5.62 10.30 -33.37
CA ALA A 148 6.87 9.87 -32.73
C ALA A 148 8.02 10.51 -33.46
N ILE A 149 8.99 11.04 -32.73
CA ILE A 149 10.18 11.67 -33.34
C ILE A 149 11.36 10.72 -33.16
N SER A 150 12.20 10.57 -34.21
CA SER A 150 13.39 9.73 -34.14
C SER A 150 14.42 10.33 -33.16
N PRO A 151 15.21 9.51 -32.44
CA PRO A 151 16.24 10.08 -31.52
C PRO A 151 17.20 11.11 -32.15
N ASP A 152 17.48 10.97 -33.45
CA ASP A 152 18.35 11.87 -34.20
C ASP A 152 17.70 13.23 -34.56
N SER A 153 16.37 13.39 -34.30
CA SER A 153 15.58 14.60 -34.55
C SER A 153 15.42 14.94 -36.03
N LYS A 154 15.65 13.96 -36.92
CA LYS A 154 15.55 14.15 -38.36
C LYS A 154 14.23 13.65 -38.96
N VAL A 155 13.61 12.63 -38.35
CA VAL A 155 12.36 12.06 -38.88
C VAL A 155 11.20 12.14 -37.87
N CYS A 156 9.98 12.24 -38.41
CA CYS A 156 8.75 12.25 -37.67
C CYS A 156 7.86 11.18 -38.25
N PHE A 157 7.26 10.38 -37.37
CA PHE A 157 6.36 9.29 -37.75
C PHE A 157 4.97 9.68 -37.32
N SER A 158 4.02 9.65 -38.25
CA SER A 158 2.64 10.01 -37.97
C SER A 158 1.69 8.85 -38.22
N CYS A 159 0.84 8.55 -37.25
CA CYS A 159 -0.19 7.52 -37.33
C CYS A 159 -1.43 8.13 -37.93
N CYS A 160 -1.75 7.79 -39.18
CA CYS A 160 -2.91 8.33 -39.90
C CYS A 160 -4.21 7.58 -39.62
N SER A 161 -5.34 8.28 -39.80
CA SER A 161 -6.71 7.75 -39.65
C SER A 161 -7.02 6.62 -40.64
N ASP A 162 -6.35 6.63 -41.80
CA ASP A 162 -6.50 5.59 -42.83
C ASP A 162 -5.67 4.31 -42.52
N GLY A 163 -4.98 4.28 -41.39
CA GLY A 163 -4.16 3.14 -41.01
C GLY A 163 -2.71 3.23 -41.43
N ASN A 164 -2.35 4.17 -42.31
CA ASN A 164 -0.97 4.36 -42.76
C ASN A 164 -0.09 5.02 -41.73
N ILE A 165 1.24 4.79 -41.86
CA ILE A 165 2.27 5.44 -41.05
C ILE A 165 3.05 6.34 -42.02
N ALA A 166 2.94 7.66 -41.85
CA ALA A 166 3.64 8.62 -42.69
C ALA A 166 5.05 8.86 -42.13
N VAL A 167 6.06 8.84 -43.00
CA VAL A 167 7.42 9.08 -42.57
C VAL A 167 7.84 10.46 -43.11
N TRP A 168 8.10 11.43 -42.23
CA TRP A 168 8.47 12.79 -42.65
C TRP A 168 9.93 13.13 -42.41
N ASP A 169 10.53 13.83 -43.39
CA ASP A 169 11.89 14.36 -43.32
C ASP A 169 11.66 15.77 -42.80
N LEU A 170 12.01 16.02 -41.54
CA LEU A 170 11.79 17.30 -40.87
C LEU A 170 12.67 18.44 -41.38
N HIS A 171 13.86 18.12 -41.92
CA HIS A 171 14.76 19.15 -42.47
C HIS A 171 14.19 19.75 -43.75
N ASN A 172 13.78 18.90 -44.73
CA ASN A 172 13.22 19.32 -46.02
C ASN A 172 11.69 19.42 -46.05
N GLN A 173 10.99 19.08 -44.93
CA GLN A 173 9.53 19.10 -44.83
C GLN A 173 8.86 18.28 -45.96
N THR A 174 9.43 17.09 -46.23
CA THR A 174 8.96 16.20 -47.30
C THR A 174 8.65 14.80 -46.78
N LEU A 175 7.61 14.15 -47.36
CA LEU A 175 7.24 12.77 -47.06
C LEU A 175 8.32 11.87 -47.68
N VAL A 176 8.74 10.87 -46.95
CA VAL A 176 9.78 9.96 -47.43
C VAL A 176 9.12 8.66 -47.88
N ARG A 177 8.17 8.14 -47.08
CA ARG A 177 7.50 6.86 -47.29
C ARG A 177 6.15 6.84 -46.60
N GLN A 178 5.35 5.79 -46.84
CA GLN A 178 4.10 5.50 -46.13
C GLN A 178 4.04 3.99 -45.84
N PHE A 179 4.15 3.58 -44.58
CA PHE A 179 4.10 2.15 -44.26
C PHE A 179 2.70 1.55 -44.51
N GLN A 180 2.65 0.20 -44.62
CA GLN A 180 1.42 -0.57 -44.83
C GLN A 180 0.38 -0.27 -43.74
N GLY A 181 0.89 0.14 -42.57
CA GLY A 181 0.14 0.53 -41.38
C GLY A 181 -0.68 -0.56 -40.75
N HIS A 182 -1.96 -0.24 -40.50
CA HIS A 182 -2.98 -1.12 -39.92
C HIS A 182 -4.31 -0.85 -40.62
N THR A 183 -5.14 -1.88 -40.84
CA THR A 183 -6.48 -1.64 -41.36
C THR A 183 -7.34 -0.94 -40.25
N ASP A 184 -8.18 0.02 -40.65
CA ASP A 184 -9.16 0.79 -39.85
C ASP A 184 -8.56 1.94 -38.99
N GLY A 185 -7.24 2.01 -38.84
CA GLY A 185 -6.61 3.12 -38.14
C GLY A 185 -5.46 2.73 -37.23
N ALA A 186 -4.39 3.54 -37.27
CA ALA A 186 -3.21 3.38 -36.43
C ALA A 186 -3.35 4.40 -35.26
N SER A 187 -3.49 3.88 -34.04
CA SER A 187 -3.77 4.62 -32.81
C SER A 187 -2.59 5.00 -31.93
N CYS A 188 -1.47 4.29 -32.05
CA CYS A 188 -0.31 4.54 -31.17
C CYS A 188 0.98 4.14 -31.82
N ILE A 189 2.08 4.67 -31.26
CA ILE A 189 3.42 4.53 -31.82
C ILE A 189 4.54 4.70 -30.78
N ASP A 190 5.68 4.04 -31.02
CA ASP A 190 6.92 4.17 -30.24
C ASP A 190 8.09 3.68 -31.05
N ILE A 191 9.26 4.24 -30.78
CA ILE A 191 10.52 3.93 -31.44
C ILE A 191 11.34 3.10 -30.46
N SER A 192 12.01 2.03 -30.95
CA SER A 192 12.85 1.18 -30.11
C SER A 192 14.09 1.95 -29.58
N ASN A 193 15.89 3.38 -26.71
CA ASN A 193 17.14 2.74 -27.10
C ASN A 193 17.28 2.65 -28.64
N ASP A 194 17.60 3.83 -29.30
CA ASP A 194 17.80 4.05 -30.74
C ASP A 194 17.84 2.77 -31.58
N GLY A 195 17.04 2.67 -32.61
CA GLY A 195 16.11 3.67 -33.15
C GLY A 195 15.95 3.19 -34.57
N THR A 196 15.98 1.85 -34.68
CA THR A 196 15.98 1.05 -35.88
C THR A 196 14.66 0.29 -36.05
N LYS A 197 13.83 0.27 -34.99
CA LYS A 197 12.51 -0.37 -35.03
C LYS A 197 11.44 0.59 -34.62
N LEU A 198 10.33 0.52 -35.35
CA LEU A 198 9.15 1.29 -35.07
C LEU A 198 8.10 0.29 -34.63
N TRP A 199 7.36 0.59 -33.55
CA TRP A 199 6.29 -0.26 -33.05
C TRP A 199 4.99 0.55 -33.15
N THR A 200 3.98 -0.01 -33.79
CA THR A 200 2.69 0.68 -33.96
C THR A 200 1.56 -0.19 -33.51
N GLY A 201 0.49 0.43 -33.05
CA GLY A 201 -0.68 -0.29 -32.62
C GLY A 201 -1.87 0.23 -33.39
N GLY A 202 -2.92 -0.58 -33.46
CA GLY A 202 -4.09 -0.21 -34.22
C GLY A 202 -5.43 -0.76 -33.82
N LEU A 203 -6.45 -0.27 -34.51
CA LEU A 203 -7.86 -0.64 -34.33
C LEU A 203 -8.21 -2.00 -34.95
N ASP A 204 -7.22 -2.65 -35.56
CA ASP A 204 -7.32 -3.98 -36.17
C ASP A 204 -6.84 -5.11 -35.22
N ASN A 205 -6.75 -4.80 -33.90
CA ASN A 205 -6.36 -5.73 -32.84
C ASN A 205 -4.93 -6.27 -32.99
N THR A 206 -4.04 -5.48 -33.63
CA THR A 206 -2.66 -5.89 -33.83
C THR A 206 -1.64 -4.86 -33.40
N VAL A 207 -0.43 -5.35 -33.11
CA VAL A 207 0.75 -4.55 -32.84
C VAL A 207 1.71 -5.05 -33.88
N ARG A 208 2.34 -4.13 -34.63
CA ARG A 208 3.27 -4.48 -35.69
C ARG A 208 4.58 -3.76 -35.49
N SER A 209 5.71 -4.41 -35.78
CA SER A 209 7.03 -3.79 -35.75
C SER A 209 7.46 -3.58 -37.18
N TRP A 210 8.26 -2.53 -37.40
CA TRP A 210 8.72 -2.11 -38.70
C TRP A 210 10.20 -1.89 -38.71
N ASP A 211 10.86 -2.38 -39.76
CA ASP A 211 12.29 -2.21 -39.97
C ASP A 211 12.47 -0.79 -40.52
N LEU A 212 13.08 0.11 -39.74
CA LEU A 212 13.29 1.49 -40.19
C LEU A 212 14.39 1.64 -41.24
N ARG A 213 15.37 0.73 -41.26
CA ARG A 213 16.47 0.77 -42.22
C ARG A 213 16.08 0.22 -43.61
N GLU A 214 15.32 -0.89 -43.66
CA GLU A 214 14.90 -1.54 -44.90
C GLU A 214 13.48 -1.14 -45.35
N GLY A 215 12.77 -0.47 -44.47
CA GLY A 215 11.43 0.05 -44.74
C GLY A 215 10.33 -0.93 -45.03
N ARG A 216 9.93 -1.72 -44.00
CA ARG A 216 8.74 -2.58 -43.95
C ARG A 216 8.68 -3.52 -42.73
N GLN A 217 7.52 -4.15 -42.57
CA GLN A 217 7.08 -4.98 -41.47
C GLN A 217 7.97 -6.15 -41.11
N LEU A 218 8.19 -6.31 -39.79
CA LEU A 218 8.97 -7.39 -39.19
C LEU A 218 8.02 -8.37 -38.48
N GLN A 219 7.51 -8.00 -37.29
CA GLN A 219 6.65 -8.85 -36.48
C GLN A 219 5.19 -8.40 -36.44
N GLN A 220 4.33 -9.30 -35.97
CA GLN A 220 2.92 -9.06 -35.79
C GLN A 220 2.41 -9.80 -34.55
N HIS A 221 1.88 -9.04 -33.58
CA HIS A 221 1.24 -9.58 -32.38
C HIS A 221 -0.26 -9.33 -32.52
N ASP A 222 -1.05 -10.42 -32.49
CA ASP A 222 -2.51 -10.42 -32.60
C ASP A 222 -3.17 -10.48 -31.20
N PHE A 223 -4.14 -9.58 -30.98
CA PHE A 223 -4.86 -9.44 -29.71
C PHE A 223 -6.38 -9.67 -29.90
N THR A 224 -7.12 -9.82 -28.79
CA THR A 224 -8.57 -10.06 -28.78
C THR A 224 -9.39 -8.77 -28.79
N SER A 225 -8.71 -7.62 -28.66
CA SER A 225 -9.36 -6.31 -28.66
C SER A 225 -8.41 -5.25 -29.22
N GLN A 226 -8.91 -4.04 -29.45
CA GLN A 226 -8.16 -2.95 -30.04
C GLN A 226 -7.08 -2.43 -29.12
N ILE A 227 -6.00 -1.94 -29.71
CA ILE A 227 -4.86 -1.38 -29.01
C ILE A 227 -5.03 0.14 -29.05
N PHE A 228 -4.97 0.79 -27.88
CA PHE A 228 -5.17 2.23 -27.82
C PHE A 228 -3.86 2.89 -27.43
N SER A 229 -2.98 2.15 -26.77
CA SER A 229 -1.71 2.71 -26.34
C SER A 229 -0.60 1.70 -26.32
N LEU A 230 0.63 2.19 -26.47
CA LEU A 230 1.78 1.31 -26.42
C LEU A 230 3.07 2.06 -26.00
N GLY A 231 3.97 1.29 -25.41
CA GLY A 231 5.26 1.83 -25.04
C GLY A 231 6.39 0.83 -25.20
N TYR A 232 7.53 1.31 -25.59
CA TYR A 232 8.70 0.46 -25.71
C TYR A 232 9.65 0.80 -24.56
N CYS A 233 10.03 -0.20 -23.76
CA CYS A 233 10.91 -0.03 -22.60
C CYS A 233 12.26 0.63 -22.98
N PRO A 234 12.63 1.78 -22.38
CA PRO A 234 13.87 2.47 -22.81
C PRO A 234 15.16 1.69 -22.57
N THR A 235 15.11 0.65 -21.74
CA THR A 235 16.26 -0.21 -21.53
C THR A 235 16.12 -1.47 -22.39
N GLY A 236 15.14 -1.46 -23.30
CA GLY A 236 14.86 -2.56 -24.23
C GLY A 236 14.10 -3.71 -23.62
N GLU A 237 13.87 -4.76 -24.42
CA GLU A 237 13.21 -6.03 -24.09
C GLU A 237 11.71 -6.03 -24.07
N TRP A 238 11.09 -5.04 -23.42
CA TRP A 238 9.66 -5.05 -23.15
C TRP A 238 8.81 -4.03 -23.92
N LEU A 239 7.66 -4.48 -24.37
CA LEU A 239 6.68 -3.59 -24.98
C LEU A 239 5.40 -3.72 -24.15
N ALA A 240 4.88 -2.59 -23.69
CA ALA A 240 3.67 -2.51 -22.89
C ALA A 240 2.53 -2.01 -23.79
N VAL A 241 1.39 -2.70 -23.73
CA VAL A 241 0.22 -2.50 -24.62
C VAL A 241 -1.01 -2.25 -23.79
N GLY A 242 -1.68 -1.11 -24.04
CA GLY A 242 -2.92 -0.71 -23.39
C GLY A 242 -4.10 -0.96 -24.31
N MET A 243 -5.04 -1.76 -23.82
CA MET A 243 -6.13 -2.22 -24.63
C MET A 243 -7.51 -1.72 -24.26
N GLU A 244 -8.42 -1.83 -25.25
CA GLU A 244 -9.83 -1.51 -25.16
C GLU A 244 -10.48 -2.38 -24.09
N SER A 245 -9.98 -3.63 -23.92
CA SER A 245 -10.47 -4.63 -22.95
C SER A 245 -10.27 -4.20 -21.48
N SER A 246 -9.41 -3.18 -21.21
CA SER A 246 -8.98 -2.61 -19.93
C SER A 246 -7.74 -3.32 -19.44
N ASN A 247 -7.25 -4.31 -20.17
CA ASN A 247 -6.05 -5.03 -19.78
C ASN A 247 -4.82 -4.30 -20.28
N VAL A 248 -3.72 -4.46 -19.55
CA VAL A 248 -2.40 -3.99 -19.97
C VAL A 248 -1.63 -5.28 -20.15
N GLU A 249 -0.94 -5.42 -21.28
CA GLU A 249 -0.12 -6.59 -21.58
C GLU A 249 1.30 -6.15 -21.73
N VAL A 250 2.23 -6.87 -21.10
CA VAL A 250 3.66 -6.58 -21.20
C VAL A 250 4.26 -7.80 -21.89
N LEU A 251 4.72 -7.63 -23.12
CA LEU A 251 5.25 -8.73 -23.93
C LEU A 251 6.73 -8.55 -24.12
N HIS A 252 7.47 -9.67 -24.13
CA HIS A 252 8.89 -9.64 -24.49
C HIS A 252 8.98 -9.57 -26.00
N VAL A 253 9.81 -8.65 -26.50
CA VAL A 253 10.08 -8.43 -27.91
C VAL A 253 10.44 -9.74 -28.65
N ASN A 254 11.27 -10.61 -28.04
CA ASN A 254 11.74 -11.87 -28.63
C ASN A 254 11.26 -13.15 -27.95
N LYS A 255 11.28 -13.18 -26.60
CA LYS A 255 10.88 -14.35 -25.81
C LYS A 255 9.34 -14.55 -25.81
N PRO A 256 8.81 -15.77 -25.51
CA PRO A 256 7.35 -15.96 -25.54
C PRO A 256 6.60 -15.52 -24.27
N ASP A 257 7.34 -15.16 -23.20
CA ASP A 257 6.73 -14.77 -21.94
C ASP A 257 6.03 -13.42 -22.00
N LYS A 258 4.83 -13.36 -21.38
CA LYS A 258 4.03 -12.16 -21.32
C LYS A 258 3.30 -12.02 -19.99
N TYR A 259 3.04 -10.78 -19.60
CA TYR A 259 2.30 -10.47 -18.37
C TYR A 259 1.01 -9.77 -18.74
N GLN A 260 -0.06 -10.05 -18.00
CA GLN A 260 -1.37 -9.45 -18.18
C GLN A 260 -1.76 -8.81 -16.86
N LEU A 261 -2.01 -7.51 -16.89
CA LEU A 261 -2.29 -6.66 -15.74
C LEU A 261 -3.75 -6.21 -15.72
N HIS A 262 -4.41 -6.35 -14.58
CA HIS A 262 -5.84 -6.08 -14.42
C HIS A 262 -6.14 -5.02 -13.38
N LEU A 263 -5.63 -3.81 -13.49
CA LEU A 263 -6.03 -2.82 -12.48
C LEU A 263 -6.93 -1.73 -13.05
N HIS A 264 -7.23 -1.80 -14.37
CA HIS A 264 -8.17 -0.87 -14.97
C HIS A 264 -9.53 -1.51 -15.11
N GLU A 265 -10.59 -0.70 -15.01
CA GLU A 265 -11.98 -1.12 -15.10
C GLU A 265 -12.60 -0.64 -16.40
N SER A 266 -11.83 0.09 -17.22
CA SER A 266 -12.25 0.57 -18.53
C SER A 266 -11.00 0.73 -19.43
N CYS A 267 -11.17 1.12 -20.71
CA CYS A 267 -10.13 1.32 -21.75
C CYS A 267 -8.86 1.92 -21.21
N VAL A 268 -7.72 1.39 -21.62
CA VAL A 268 -6.42 1.93 -21.23
C VAL A 268 -6.08 2.91 -22.35
N LEU A 269 -6.24 4.21 -22.08
CA LEU A 269 -6.08 5.24 -23.13
C LEU A 269 -4.64 5.74 -23.40
N SER A 270 -3.76 5.80 -22.39
CA SER A 270 -2.37 6.23 -22.49
C SER A 270 -1.44 5.26 -21.72
N LEU A 271 -0.17 5.27 -22.08
CA LEU A 271 0.83 4.38 -21.48
C LEU A 271 2.13 5.11 -21.71
N LYS A 272 2.99 5.19 -20.68
CA LYS A 272 4.31 5.81 -20.84
C LYS A 272 5.31 5.23 -19.88
N PHE A 273 6.47 4.79 -20.41
CA PHE A 273 7.55 4.26 -19.56
C PHE A 273 8.33 5.44 -18.97
N ALA A 274 8.80 5.30 -17.74
CA ALA A 274 9.78 6.23 -17.22
C ALA A 274 11.10 6.00 -18.04
N TYR A 275 11.94 7.04 -18.16
CA TYR A 275 13.19 7.02 -18.92
C TYR A 275 14.24 5.99 -18.41
N CYS A 276 14.20 5.63 -17.13
CA CYS A 276 15.10 4.64 -16.51
C CYS A 276 14.62 3.23 -16.88
N GLY A 277 13.39 3.13 -17.39
CA GLY A 277 12.75 1.89 -17.81
C GLY A 277 12.23 0.97 -16.72
N LYS A 278 12.48 1.31 -15.42
CA LYS A 278 12.12 0.48 -14.27
C LYS A 278 10.65 0.48 -13.93
N TRP A 279 9.95 1.50 -14.35
CA TRP A 279 8.53 1.62 -14.06
C TRP A 279 7.85 2.31 -15.21
N PHE A 280 6.52 2.16 -15.31
CA PHE A 280 5.71 2.79 -16.34
C PHE A 280 4.34 3.20 -15.78
N VAL A 281 3.61 4.12 -16.48
CA VAL A 281 2.27 4.56 -16.08
C VAL A 281 1.30 4.21 -17.16
N SER A 282 0.03 4.00 -16.80
CA SER A 282 -1.07 3.76 -17.71
C SER A 282 -2.26 4.53 -17.17
N THR A 283 -3.08 5.03 -18.06
CA THR A 283 -4.21 5.85 -17.69
C THR A 283 -5.45 5.28 -18.35
N GLY A 284 -6.57 5.33 -17.63
CA GLY A 284 -7.81 4.79 -18.17
C GLY A 284 -8.99 5.72 -18.18
N LYS A 285 -10.02 5.32 -18.95
CA LYS A 285 -11.32 5.92 -19.06
C LYS A 285 -11.98 5.80 -17.68
N ASP A 286 -11.47 4.87 -16.83
CA ASP A 286 -11.97 4.57 -15.49
C ASP A 286 -11.45 5.56 -14.42
N ASN A 287 -10.80 6.68 -14.82
CA ASN A 287 -10.31 7.74 -13.91
C ASN A 287 -9.01 7.42 -13.15
N LEU A 288 -8.32 6.33 -13.51
CA LEU A 288 -7.10 5.93 -12.81
C LEU A 288 -5.83 6.18 -13.56
N LEU A 289 -4.83 6.61 -12.82
CA LEU A 289 -3.45 6.67 -13.29
C LEU A 289 -2.81 5.56 -12.43
N ASN A 290 -2.30 4.50 -13.06
CA ASN A 290 -1.66 3.39 -12.36
C ASN A 290 -0.18 3.37 -12.69
N ALA A 291 0.68 3.27 -11.66
CA ALA A 291 2.11 3.17 -11.89
C ALA A 291 2.46 1.71 -11.64
N TRP A 292 3.30 1.15 -12.52
CA TRP A 292 3.59 -0.27 -12.54
C TRP A 292 5.07 -0.54 -12.58
N ARG A 293 5.49 -1.69 -12.02
CA ARG A 293 6.87 -2.12 -12.03
C ARG A 293 7.12 -2.86 -13.34
N THR A 294 8.25 -2.59 -13.98
CA THR A 294 8.63 -3.28 -15.20
C THR A 294 9.36 -4.55 -14.80
N PRO A 295 9.04 -5.72 -15.39
CA PRO A 295 8.01 -5.97 -16.41
C PRO A 295 6.71 -6.61 -15.90
N TYR A 296 6.72 -7.26 -14.73
CA TYR A 296 5.58 -8.06 -14.22
C TYR A 296 4.40 -7.26 -13.66
N GLY A 297 4.48 -5.94 -13.67
CA GLY A 297 3.37 -5.08 -13.26
C GLY A 297 2.92 -5.08 -11.81
N ALA A 298 3.86 -4.99 -10.87
CA ALA A 298 3.52 -4.86 -9.46
C ALA A 298 3.06 -3.39 -9.32
N SER A 299 1.95 -3.12 -8.56
CA SER A 299 1.32 -1.80 -8.39
C SER A 299 2.09 -0.87 -7.42
N ILE A 300 2.80 0.12 -7.99
CA ILE A 300 3.65 1.08 -7.26
C ILE A 300 2.85 2.16 -6.60
N PHE A 301 1.93 2.77 -7.35
CA PHE A 301 0.99 3.78 -6.87
C PHE A 301 -0.18 3.86 -7.83
N GLN A 302 -1.29 4.40 -7.32
CA GLN A 302 -2.50 4.62 -8.07
C GLN A 302 -2.97 6.00 -7.68
N SER A 303 -3.39 6.75 -8.67
CA SER A 303 -3.97 8.06 -8.42
C SER A 303 -5.30 8.06 -9.13
N LYS A 304 -6.36 8.38 -8.40
CA LYS A 304 -7.71 8.44 -8.94
C LYS A 304 -8.00 9.90 -9.25
N GLU A 305 -8.42 10.17 -10.48
CA GLU A 305 -8.71 11.53 -10.91
C GLU A 305 -10.23 11.72 -11.01
N SER A 306 -10.68 12.96 -11.25
CA SER A 306 -12.09 13.31 -11.32
C SER A 306 -12.75 12.85 -12.61
N SER A 307 -11.97 12.48 -13.65
CA SER A 307 -12.53 12.03 -14.92
C SER A 307 -11.56 11.11 -15.67
N SER A 308 -11.94 10.71 -16.89
CA SER A 308 -11.11 9.87 -17.71
C SER A 308 -9.75 10.54 -17.92
N VAL A 309 -8.67 9.72 -17.89
CA VAL A 309 -7.31 10.22 -18.05
C VAL A 309 -6.86 9.79 -19.45
N LEU A 310 -6.78 10.76 -20.35
CA LEU A 310 -6.61 10.53 -21.77
C LEU A 310 -5.20 10.48 -22.26
N SER A 311 -4.30 11.22 -21.62
CA SER A 311 -2.93 11.31 -22.08
C SER A 311 -1.99 11.50 -20.92
N CYS A 312 -0.71 11.25 -21.12
CA CYS A 312 0.26 11.40 -20.04
C CYS A 312 1.60 11.60 -20.64
N ASP A 313 2.51 12.18 -19.86
CA ASP A 313 3.93 12.36 -20.21
C ASP A 313 4.70 12.34 -18.92
N ILE A 314 5.98 11.95 -18.99
CA ILE A 314 6.89 11.85 -17.86
C ILE A 314 8.07 12.70 -18.29
N SER A 315 8.61 13.54 -17.38
CA SER A 315 9.78 14.36 -17.71
C SER A 315 11.03 13.46 -17.91
N VAL A 316 12.03 13.97 -18.65
CA VAL A 316 13.21 13.18 -19.02
C VAL A 316 14.07 12.72 -17.81
N ASP A 317 13.91 13.41 -16.65
CA ASP A 317 14.61 13.15 -15.40
C ASP A 317 13.74 12.26 -14.49
N ASP A 318 12.51 11.90 -14.95
CA ASP A 318 11.49 11.10 -14.24
C ASP A 318 10.98 11.75 -12.92
N LYS A 319 11.08 13.11 -12.78
CA LYS A 319 10.63 13.87 -11.57
C LYS A 319 9.16 14.29 -11.63
N TYR A 320 8.58 14.38 -12.84
CA TYR A 320 7.21 14.85 -13.02
C TYR A 320 6.41 14.01 -13.96
N ILE A 321 5.09 13.95 -13.72
CA ILE A 321 4.14 13.28 -14.60
C ILE A 321 3.10 14.32 -14.87
N VAL A 322 2.65 14.42 -16.11
CA VAL A 322 1.53 15.30 -16.47
C VAL A 322 0.47 14.42 -17.09
N THR A 323 -0.78 14.58 -16.69
CA THR A 323 -1.93 13.87 -17.27
C THR A 323 -2.95 14.85 -17.81
N GLY A 324 -3.57 14.46 -18.92
CA GLY A 324 -4.65 15.16 -19.60
C GLY A 324 -5.96 14.48 -19.25
N SER A 325 -6.97 15.29 -18.95
CA SER A 325 -8.20 14.78 -18.41
C SER A 325 -9.46 15.12 -19.21
N GLY A 326 -10.47 14.24 -19.08
CA GLY A 326 -11.81 14.43 -19.63
C GLY A 326 -12.54 15.53 -18.91
N ASP A 327 -12.08 15.89 -17.68
CA ASP A 327 -12.62 17.02 -16.91
C ASP A 327 -12.08 18.39 -17.41
N LYS A 328 -11.50 18.42 -18.64
CA LYS A 328 -11.06 19.61 -19.38
C LYS A 328 -9.94 20.37 -18.71
N LYS A 329 -8.96 19.61 -18.21
CA LYS A 329 -7.77 20.09 -17.51
C LYS A 329 -6.61 19.13 -17.67
N ALA A 330 -5.45 19.54 -17.13
CA ALA A 330 -4.26 18.72 -17.03
C ALA A 330 -3.79 18.83 -15.61
N THR A 331 -3.13 17.78 -15.11
CA THR A 331 -2.64 17.72 -13.73
C THR A 331 -1.14 17.40 -13.76
N VAL A 332 -0.38 18.12 -12.94
CA VAL A 332 1.04 17.94 -12.82
C VAL A 332 1.26 17.28 -11.49
N TYR A 333 2.02 16.19 -11.50
CA TYR A 333 2.43 15.44 -10.33
C TYR A 333 3.92 15.49 -10.20
N GLU A 334 4.38 15.58 -8.96
CA GLU A 334 5.77 15.46 -8.61
C GLU A 334 5.93 14.01 -8.14
N VAL A 335 6.85 13.27 -8.77
CA VAL A 335 7.15 11.87 -8.46
C VAL A 335 8.10 11.96 -7.27
N ILE A 336 7.72 11.35 -6.13
CA ILE A 336 8.53 11.39 -4.91
C ILE A 336 9.25 10.06 -4.75
N TYR A 337 10.58 10.12 -4.61
CA TYR A 337 11.41 8.94 -4.41
C TYR A 337 11.77 8.72 -2.92
N TYR B 2 -5.86 -16.00 -3.87
CA TYR B 2 -4.53 -15.40 -3.92
C TYR B 2 -4.57 -13.88 -4.03
N PHE B 3 -3.67 -13.23 -3.26
CA PHE B 3 -3.55 -11.78 -3.17
C PHE B 3 -2.15 -11.33 -3.51
N GLN B 4 -2.05 -10.11 -4.05
CA GLN B 4 -0.74 -9.53 -4.37
C GLN B 4 -0.62 -8.18 -3.71
N GLY B 5 0.59 -7.86 -3.28
CA GLY B 5 0.87 -6.57 -2.66
C GLY B 5 0.75 -5.43 -3.64
N ALA B 6 0.37 -4.26 -3.13
CA ALA B 6 0.25 -3.01 -3.90
C ALA B 6 0.63 -1.92 -2.92
N MET B 7 1.63 -1.13 -3.30
CA MET B 7 2.16 -0.07 -2.44
C MET B 7 1.22 1.13 -2.38
N GLY B 8 1.03 1.68 -1.19
CA GLY B 8 0.24 2.89 -0.98
C GLY B 8 1.08 3.85 -0.17
N SER B 9 0.58 5.05 0.06
CA SER B 9 1.27 6.06 0.83
C SER B 9 0.26 6.84 1.67
N LYS B 10 0.75 7.42 2.76
CA LYS B 10 -0.08 8.21 3.67
C LYS B 10 0.72 9.41 4.10
N PRO B 11 0.10 10.55 4.50
CA PRO B 11 0.90 11.66 5.06
C PRO B 11 1.68 11.11 6.24
N ALA B 12 2.91 11.59 6.48
CA ALA B 12 3.80 11.11 7.55
C ALA B 12 3.06 10.81 8.86
N TYR B 13 3.11 9.52 9.29
CA TYR B 13 2.43 8.99 10.47
C TYR B 13 3.41 8.38 11.51
N SER B 14 4.68 8.19 11.15
CA SER B 14 5.73 7.62 12.00
C SER B 14 6.87 8.64 12.11
N PHE B 15 7.17 9.03 13.36
CA PHE B 15 8.14 10.06 13.68
C PHE B 15 9.19 9.59 14.69
N HIS B 16 10.44 10.12 14.55
CA HIS B 16 11.57 9.92 15.44
C HIS B 16 11.44 11.05 16.39
N VAL B 17 11.43 10.76 17.71
CA VAL B 17 11.32 11.81 18.73
C VAL B 17 12.66 11.98 19.45
N MET B 23 9.96 16.42 16.68
CA MET B 23 9.61 15.29 15.81
C MET B 23 10.08 15.47 14.36
N GLN B 24 10.63 14.39 13.79
CA GLN B 24 11.07 14.33 12.40
C GLN B 24 10.54 13.03 11.78
N PRO B 25 9.89 13.06 10.60
CA PRO B 25 9.39 11.81 10.01
C PRO B 25 10.49 10.79 9.72
N VAL B 26 10.19 9.50 9.92
CA VAL B 26 11.12 8.40 9.73
C VAL B 26 11.37 8.06 8.25
N PRO B 27 12.65 8.09 7.78
CA PRO B 27 12.94 7.60 6.42
C PRO B 27 13.06 6.07 6.50
N PHE B 28 12.10 5.33 5.91
CA PHE B 28 12.06 3.86 6.01
C PHE B 28 13.17 3.14 5.25
N PRO B 29 13.82 2.14 5.89
CA PRO B 29 14.84 1.34 5.17
C PRO B 29 14.14 0.43 4.15
N PRO B 30 14.84 -0.29 3.23
CA PRO B 30 14.13 -1.11 2.23
C PRO B 30 13.37 -2.32 2.77
N ASP B 31 13.72 -2.80 3.97
CA ASP B 31 13.06 -3.96 4.55
C ASP B 31 11.89 -3.58 5.50
N ALA B 32 11.48 -2.29 5.48
CA ALA B 32 10.36 -1.79 6.28
C ALA B 32 8.99 -2.44 5.97
N LEU B 33 8.64 -2.56 4.68
CA LEU B 33 7.32 -3.04 4.27
C LEU B 33 7.30 -4.42 3.62
N ILE B 34 8.47 -4.99 3.31
CA ILE B 34 8.65 -6.28 2.62
C ILE B 34 9.88 -6.98 3.20
N GLY B 35 9.78 -8.30 3.41
CA GLY B 35 10.90 -9.13 3.84
C GLY B 35 10.45 -10.48 4.35
N PRO B 36 11.38 -11.42 4.60
CA PRO B 36 10.98 -12.74 5.16
C PRO B 36 10.41 -12.55 6.55
N GLY B 37 9.29 -13.21 6.81
CA GLY B 37 8.59 -13.08 8.09
C GLY B 37 7.71 -11.84 8.21
N ILE B 38 7.69 -10.94 7.19
CA ILE B 38 6.84 -9.75 7.21
C ILE B 38 5.55 -10.15 6.48
N PRO B 39 4.38 -10.04 7.11
CA PRO B 39 3.14 -10.44 6.43
C PRO B 39 2.86 -9.58 5.22
N ARG B 40 2.12 -10.15 4.26
CA ARG B 40 1.70 -9.39 3.08
C ARG B 40 0.30 -8.85 3.35
N HIS B 41 -0.53 -9.68 3.96
CA HIS B 41 -1.89 -9.32 4.34
C HIS B 41 -2.51 -10.28 5.35
N ALA B 42 -3.70 -9.94 5.89
CA ALA B 42 -4.44 -10.76 6.85
C ALA B 42 -5.82 -10.99 6.28
N ARG B 43 -6.24 -12.24 6.19
CA ARG B 43 -7.53 -12.63 5.63
C ARG B 43 -8.47 -13.11 6.75
N GLN B 44 -9.67 -12.50 6.90
CA GLN B 44 -10.64 -12.98 7.89
C GLN B 44 -11.09 -14.38 7.48
N ILE B 45 -11.06 -15.33 8.42
CA ILE B 45 -11.42 -16.72 8.18
C ILE B 45 -12.56 -17.21 9.09
N ASN B 46 -12.77 -16.54 10.22
CA ASN B 46 -13.82 -16.94 11.14
C ASN B 46 -14.38 -15.76 11.88
N THR B 47 -15.64 -15.89 12.30
CA THR B 47 -16.35 -14.96 13.17
C THR B 47 -16.87 -15.82 14.31
N LEU B 48 -16.54 -15.43 15.54
CA LEU B 48 -16.94 -16.17 16.73
C LEU B 48 -18.01 -15.35 17.48
N ASN B 49 -19.26 -15.73 17.30
CA ASN B 49 -20.40 -15.01 17.88
C ASN B 49 -20.58 -15.29 19.37
N HIS B 50 -19.71 -14.69 20.19
CA HIS B 50 -19.76 -14.80 21.65
C HIS B 50 -21.08 -14.22 22.21
N GLY B 51 -21.45 -13.03 21.76
CA GLY B 51 -22.72 -12.44 22.18
C GLY B 51 -22.62 -11.46 23.32
N GLU B 52 -21.41 -11.24 23.82
CA GLU B 52 -21.07 -10.26 24.85
C GLU B 52 -19.83 -9.57 24.35
N VAL B 53 -19.61 -8.33 24.72
CA VAL B 53 -18.37 -7.65 24.30
C VAL B 53 -17.16 -8.54 24.75
N VAL B 54 -16.27 -8.89 23.79
CA VAL B 54 -15.09 -9.75 24.00
C VAL B 54 -13.86 -8.91 24.42
N CYS B 55 -13.63 -8.87 25.74
CA CYS B 55 -12.57 -8.10 26.41
C CYS B 55 -11.22 -8.80 26.42
N ALA B 56 -11.22 -10.13 26.41
CA ALA B 56 -10.00 -10.95 26.45
C ALA B 56 -10.10 -12.07 25.42
N VAL B 57 -8.99 -12.37 24.74
CA VAL B 57 -8.90 -13.43 23.74
C VAL B 57 -7.50 -14.08 23.94
N THR B 58 -7.44 -15.41 23.92
CA THR B 58 -6.19 -16.16 24.01
C THR B 58 -6.30 -17.37 23.06
N ILE B 59 -5.15 -17.78 22.45
CA ILE B 59 -5.12 -18.87 21.46
C ILE B 59 -4.32 -20.01 22.04
N SER B 60 -4.75 -21.28 21.80
CA SER B 60 -4.08 -22.47 22.31
C SER B 60 -2.73 -22.68 21.55
N ASN B 61 -1.86 -23.46 22.16
CA ASN B 61 -0.54 -23.80 21.64
C ASN B 61 -0.37 -25.32 21.76
N PRO B 62 -0.41 -26.10 20.64
CA PRO B 62 -0.58 -25.68 19.23
C PRO B 62 -1.94 -25.09 18.91
N THR B 63 -2.00 -24.26 17.85
CA THR B 63 -3.26 -23.63 17.44
C THR B 63 -4.30 -24.68 17.09
N ARG B 64 -5.45 -24.60 17.77
CA ARG B 64 -6.62 -25.44 17.58
C ARG B 64 -7.81 -24.74 18.19
N HIS B 65 -7.66 -24.27 19.45
CA HIS B 65 -8.73 -23.61 20.21
C HIS B 65 -8.48 -22.14 20.50
N VAL B 66 -9.54 -21.36 20.46
CA VAL B 66 -9.54 -19.95 20.79
C VAL B 66 -10.47 -19.82 21.98
N TYR B 67 -10.08 -19.01 23.00
CA TYR B 67 -10.83 -18.71 24.23
C TYR B 67 -11.24 -17.25 24.21
N THR B 68 -12.56 -16.96 24.28
CA THR B 68 -13.08 -15.60 24.24
C THR B 68 -13.72 -15.26 25.59
N GLY B 69 -13.35 -14.13 26.15
CA GLY B 69 -13.85 -13.74 27.45
C GLY B 69 -14.80 -12.58 27.34
N GLY B 70 -16.02 -12.83 27.80
CA GLY B 70 -17.13 -11.87 27.80
C GLY B 70 -17.70 -11.66 29.20
N LYS B 71 -19.03 -11.43 29.32
CA LYS B 71 -19.69 -11.21 30.62
C LYS B 71 -19.89 -12.56 31.29
N GLY B 72 -19.23 -12.74 32.43
CA GLY B 72 -19.25 -13.96 33.24
C GLY B 72 -19.28 -15.25 32.46
N CYS B 73 -18.44 -15.33 31.40
CA CYS B 73 -18.42 -16.47 30.48
C CYS B 73 -17.16 -16.53 29.57
N VAL B 74 -16.47 -17.68 29.57
CA VAL B 74 -15.34 -17.93 28.64
C VAL B 74 -15.88 -18.97 27.64
N LYS B 75 -15.82 -18.68 26.35
CA LYS B 75 -16.29 -19.62 25.34
C LYS B 75 -15.09 -20.16 24.60
N VAL B 76 -15.11 -21.48 24.32
CA VAL B 76 -14.02 -22.23 23.65
C VAL B 76 -14.45 -22.56 22.21
N TRP B 77 -13.60 -22.21 21.25
CA TRP B 77 -13.91 -22.36 19.82
C TRP B 77 -12.90 -23.23 19.10
N ASP B 78 -13.35 -24.19 18.30
CA ASP B 78 -12.46 -25.06 17.54
C ASP B 78 -12.32 -24.43 16.17
N ILE B 79 -11.17 -23.80 15.90
CA ILE B 79 -10.96 -23.06 14.63
C ILE B 79 -10.26 -23.90 13.53
N SER B 80 -10.70 -25.16 13.35
CA SER B 80 -10.15 -26.03 12.31
C SER B 80 -11.25 -26.59 11.39
N LYS B 85 -17.63 -22.41 13.95
CA LYS B 85 -18.45 -21.20 14.08
C LYS B 85 -19.36 -21.21 15.36
N SER B 86 -19.58 -22.40 15.97
CA SER B 86 -20.33 -22.62 17.24
C SER B 86 -19.31 -23.00 18.37
N PRO B 87 -19.46 -22.56 19.66
CA PRO B 87 -18.46 -22.96 20.67
C PRO B 87 -18.50 -24.44 21.01
N VAL B 88 -17.32 -25.06 21.24
CA VAL B 88 -17.23 -26.48 21.60
C VAL B 88 -17.50 -26.70 23.10
N SER B 89 -17.27 -25.64 23.90
CA SER B 89 -17.53 -25.62 25.35
C SER B 89 -17.63 -24.19 25.90
N GLN B 90 -18.17 -24.09 27.12
CA GLN B 90 -18.44 -22.84 27.79
C GLN B 90 -18.03 -22.97 29.25
N LEU B 91 -17.31 -21.97 29.75
CA LEU B 91 -16.78 -21.87 31.12
C LEU B 91 -17.50 -20.73 31.87
N ASP B 92 -18.44 -21.08 32.74
CA ASP B 92 -19.21 -20.06 33.45
C ASP B 92 -18.45 -19.54 34.68
N CYS B 93 -18.02 -18.27 34.61
CA CYS B 93 -17.33 -17.60 35.73
C CYS B 93 -18.39 -16.83 36.52
N LEU B 94 -18.76 -17.33 37.72
CA LEU B 94 -19.77 -16.73 38.60
C LEU B 94 -19.25 -15.40 39.21
N ASN B 95 -19.97 -14.26 39.07
CA ASN B 95 -21.29 -14.09 38.43
C ASN B 95 -21.22 -13.66 36.95
N ARG B 96 -22.36 -13.81 36.26
CA ARG B 96 -22.64 -13.52 34.86
C ARG B 96 -22.86 -12.02 34.53
N ASP B 97 -22.70 -11.13 35.55
CA ASP B 97 -22.90 -9.69 35.40
C ASP B 97 -21.59 -8.91 35.21
N ASN B 98 -20.43 -9.55 35.46
CA ASN B 98 -19.12 -8.90 35.36
C ASN B 98 -18.26 -9.42 34.21
N TYR B 99 -17.47 -8.52 33.58
CA TYR B 99 -16.59 -8.84 32.44
C TYR B 99 -15.29 -9.47 32.84
N ILE B 100 -14.82 -10.41 32.01
CA ILE B 100 -13.54 -11.11 32.09
C ILE B 100 -12.54 -10.18 31.40
N ARG B 101 -11.52 -9.71 32.13
CA ARG B 101 -10.59 -8.73 31.60
C ARG B 101 -9.33 -9.33 31.03
N SER B 102 -9.01 -10.56 31.43
CA SER B 102 -7.81 -11.25 30.97
C SER B 102 -7.93 -12.73 31.23
N CYS B 103 -7.51 -13.54 30.27
CA CYS B 103 -7.44 -14.98 30.40
C CYS B 103 -6.21 -15.49 29.69
N LYS B 104 -5.29 -16.08 30.48
CA LYS B 104 -4.02 -16.58 30.02
C LYS B 104 -3.91 -18.06 30.26
N LEU B 105 -3.50 -18.78 29.23
CA LEU B 105 -3.28 -20.20 29.27
C LEU B 105 -1.86 -20.45 29.77
N LEU B 106 -1.66 -21.56 30.48
CA LEU B 106 -0.32 -21.95 30.90
C LEU B 106 0.35 -22.68 29.74
N PRO B 107 1.71 -22.55 29.54
CA PRO B 107 2.38 -23.17 28.38
C PRO B 107 1.85 -24.52 27.85
N ASP B 108 1.59 -25.51 28.73
CA ASP B 108 1.07 -26.85 28.35
C ASP B 108 -0.30 -26.76 27.67
N GLY B 109 -1.15 -25.88 28.18
CA GLY B 109 -2.49 -25.62 27.64
C GLY B 109 -3.64 -26.21 28.43
N CYS B 110 -3.34 -27.00 29.49
CA CYS B 110 -4.34 -27.67 30.30
C CYS B 110 -4.94 -26.79 31.42
N THR B 111 -4.39 -25.56 31.60
CA THR B 111 -4.86 -24.65 32.65
C THR B 111 -5.09 -23.21 32.13
N LEU B 112 -6.20 -22.57 32.58
CA LEU B 112 -6.60 -21.19 32.23
C LEU B 112 -6.85 -20.27 33.45
N ILE B 113 -6.06 -19.17 33.57
CA ILE B 113 -6.23 -18.17 34.63
C ILE B 113 -7.10 -17.06 34.11
N VAL B 114 -8.26 -16.91 34.75
CA VAL B 114 -9.26 -15.94 34.37
C VAL B 114 -9.33 -14.82 35.39
N GLY B 115 -9.05 -13.60 34.94
CA GLY B 115 -9.10 -12.38 35.74
C GLY B 115 -10.15 -11.44 35.20
N GLY B 116 -10.64 -10.55 36.05
CA GLY B 116 -11.66 -9.60 35.64
C GLY B 116 -12.15 -8.65 36.69
N GLU B 117 -13.39 -8.20 36.52
CA GLU B 117 -14.12 -7.26 37.37
C GLU B 117 -14.73 -7.98 38.60
N ALA B 118 -13.86 -8.61 39.40
CA ALA B 118 -14.16 -9.36 40.63
C ALA B 118 -12.85 -9.47 41.41
N SER B 119 -12.92 -9.62 42.75
CA SER B 119 -11.73 -9.73 43.59
C SER B 119 -10.93 -11.04 43.41
N THR B 120 -11.52 -12.06 42.77
CA THR B 120 -10.84 -13.35 42.61
C THR B 120 -10.40 -13.68 41.17
N LEU B 121 -9.29 -14.44 41.07
CA LEU B 121 -8.76 -14.97 39.83
C LEU B 121 -9.11 -16.44 39.86
N SER B 122 -9.84 -16.94 38.86
CA SER B 122 -10.23 -18.35 38.80
C SER B 122 -9.18 -19.10 37.99
N ILE B 123 -8.88 -20.33 38.40
CA ILE B 123 -7.91 -21.20 37.74
C ILE B 123 -8.73 -22.39 37.29
N TRP B 124 -8.93 -22.52 35.97
CA TRP B 124 -9.71 -23.58 35.37
C TRP B 124 -8.88 -24.75 34.89
N ASP B 125 -9.36 -25.98 35.15
CA ASP B 125 -8.76 -27.21 34.65
C ASP B 125 -9.43 -27.58 33.34
N LEU B 126 -8.64 -27.93 32.31
CA LEU B 126 -9.12 -28.29 30.97
C LEU B 126 -8.67 -29.70 30.58
N THR B 130 -15.54 -32.86 31.69
CA THR B 130 -16.13 -31.53 31.76
C THR B 130 -15.23 -30.55 32.54
N PRO B 131 -14.80 -29.40 31.94
CA PRO B 131 -13.91 -28.46 32.65
C PRO B 131 -14.47 -27.92 33.97
N ARG B 132 -13.59 -27.69 34.96
CA ARG B 132 -14.00 -27.19 36.28
C ARG B 132 -13.00 -26.21 36.90
N ILE B 133 -13.44 -25.41 37.89
CA ILE B 133 -12.59 -24.44 38.60
C ILE B 133 -11.72 -25.18 39.65
N LYS B 134 -10.41 -25.32 39.35
CA LYS B 134 -9.40 -26.01 40.15
C LYS B 134 -9.15 -25.28 41.47
N ALA B 135 -9.07 -23.94 41.41
CA ALA B 135 -8.80 -23.06 42.56
C ALA B 135 -9.21 -21.63 42.27
N GLU B 136 -9.17 -20.78 43.32
CA GLU B 136 -9.51 -19.37 43.23
C GLU B 136 -8.59 -18.52 44.10
N LEU B 137 -7.66 -17.76 43.47
CA LEU B 137 -6.76 -16.82 44.17
C LEU B 137 -7.62 -15.61 44.57
N THR B 138 -7.69 -15.26 45.88
CA THR B 138 -8.50 -14.13 46.33
C THR B 138 -7.63 -12.91 46.67
N SER B 139 -7.81 -11.83 45.89
CA SER B 139 -7.09 -10.56 46.05
C SER B 139 -7.91 -9.58 46.91
N SER B 140 -7.23 -8.56 47.46
CA SER B 140 -7.84 -7.49 48.26
C SER B 140 -8.46 -6.44 47.32
N ALA B 141 -7.91 -6.34 46.09
CA ALA B 141 -8.34 -5.39 45.05
C ALA B 141 -9.71 -5.74 44.48
N PRO B 142 -10.55 -4.75 44.09
CA PRO B 142 -11.87 -5.09 43.54
C PRO B 142 -11.85 -5.64 42.11
N ALA B 143 -10.75 -5.38 41.36
CA ALA B 143 -10.63 -5.85 39.99
C ALA B 143 -9.18 -6.13 39.54
N CYS B 144 -9.03 -7.00 38.52
CA CYS B 144 -7.78 -7.35 37.83
C CYS B 144 -7.98 -6.90 36.39
N TYR B 145 -7.09 -6.03 35.90
CA TYR B 145 -7.21 -5.50 34.54
C TYR B 145 -6.32 -6.22 33.53
N ALA B 146 -5.24 -6.89 34.01
CA ALA B 146 -4.30 -7.57 33.14
C ALA B 146 -3.55 -8.64 33.90
N LEU B 147 -3.23 -9.74 33.21
CA LEU B 147 -2.47 -10.88 33.74
C LEU B 147 -1.24 -11.16 32.87
N ALA B 148 -0.18 -11.73 33.47
CA ALA B 148 1.01 -12.20 32.76
C ALA B 148 1.53 -13.43 33.49
N ILE B 149 1.88 -14.49 32.77
CA ILE B 149 2.40 -15.73 33.38
C ILE B 149 3.91 -15.76 33.12
N SER B 150 4.70 -16.19 34.12
CA SER B 150 6.14 -16.32 33.97
C SER B 150 6.45 -17.49 33.00
N PRO B 151 7.56 -17.42 32.19
CA PRO B 151 7.88 -18.54 31.28
C PRO B 151 7.94 -19.94 31.92
N ASP B 152 8.34 -20.00 33.21
CA ASP B 152 8.45 -21.23 34.00
C ASP B 152 7.09 -21.80 34.46
N SER B 153 5.98 -21.05 34.25
CA SER B 153 4.60 -21.45 34.59
C SER B 153 4.34 -21.55 36.11
N LYS B 154 5.22 -20.94 36.93
CA LYS B 154 5.11 -20.99 38.39
C LYS B 154 4.47 -19.75 39.00
N VAL B 155 4.65 -18.57 38.36
CA VAL B 155 4.14 -17.31 38.87
C VAL B 155 3.17 -16.62 37.91
N CYS B 156 2.23 -15.90 38.49
CA CYS B 156 1.23 -15.12 37.78
C CYS B 156 1.31 -13.70 38.32
N PHE B 157 1.33 -12.74 37.42
CA PHE B 157 1.37 -11.32 37.75
C PHE B 157 0.01 -10.74 37.39
N SER B 158 -0.63 -10.09 38.35
CA SER B 158 -1.93 -9.48 38.15
C SER B 158 -1.89 -7.98 38.39
N CYS B 159 -2.41 -7.23 37.43
CA CYS B 159 -2.53 -5.78 37.48
C CYS B 159 -3.82 -5.41 38.15
N CYS B 160 -3.73 -4.91 39.40
CA CYS B 160 -4.90 -4.56 40.20
C CYS B 160 -5.42 -3.15 39.93
N SER B 161 -6.72 -2.94 40.18
CA SER B 161 -7.42 -1.66 40.06
C SER B 161 -6.85 -0.60 41.01
N ASP B 162 -6.27 -1.01 42.16
CA ASP B 162 -5.66 -0.10 43.13
C ASP B 162 -4.21 0.34 42.73
N GLY B 163 -3.74 -0.11 41.57
CA GLY B 163 -2.41 0.22 41.08
C GLY B 163 -1.32 -0.77 41.43
N ASN B 164 -1.62 -1.71 42.34
CA ASN B 164 -0.66 -2.74 42.75
C ASN B 164 -0.49 -3.84 41.72
N ILE B 165 0.67 -4.53 41.78
CA ILE B 165 0.98 -5.70 40.96
C ILE B 165 1.04 -6.86 41.97
N ALA B 166 0.04 -7.76 41.97
CA ALA B 166 0.05 -8.92 42.86
C ALA B 166 0.88 -10.03 42.21
N VAL B 167 1.77 -10.66 42.97
CA VAL B 167 2.61 -11.75 42.48
C VAL B 167 2.08 -13.03 43.13
N TRP B 168 1.55 -13.96 42.30
CA TRP B 168 0.98 -15.21 42.80
C TRP B 168 1.83 -16.42 42.54
N ASP B 169 1.89 -17.33 43.54
CA ASP B 169 2.55 -18.63 43.46
C ASP B 169 1.40 -19.54 43.05
N LEU B 170 1.40 -19.99 41.80
CA LEU B 170 0.34 -20.81 41.22
C LEU B 170 0.25 -22.23 41.80
N HIS B 171 1.38 -22.78 42.27
CA HIS B 171 1.40 -24.13 42.86
C HIS B 171 0.66 -24.15 44.21
N ASN B 172 1.00 -23.22 45.13
CA ASN B 172 0.40 -23.12 46.47
C ASN B 172 -0.80 -22.17 46.55
N GLN B 173 -1.17 -21.49 45.45
CA GLN B 173 -2.29 -20.53 45.39
C GLN B 173 -2.13 -19.45 46.48
N THR B 174 -0.91 -18.93 46.63
CA THR B 174 -0.58 -17.93 47.65
C THR B 174 0.10 -16.72 47.06
N LEU B 175 -0.21 -15.53 47.63
CA LEU B 175 0.41 -14.27 47.25
C LEU B 175 1.85 -14.30 47.75
N VAL B 176 2.79 -13.83 46.94
CA VAL B 176 4.20 -13.82 47.31
C VAL B 176 4.58 -12.40 47.72
N ARG B 177 4.20 -11.42 46.88
CA ARG B 177 4.51 -10.00 47.06
C ARG B 177 3.55 -9.10 46.27
N GLN B 178 3.53 -7.80 46.61
CA GLN B 178 2.73 -6.78 45.94
C GLN B 178 3.67 -5.64 45.55
N PHE B 179 4.00 -5.48 44.25
CA PHE B 179 4.90 -4.40 43.79
C PHE B 179 4.21 -3.03 43.92
N GLN B 180 4.99 -1.94 44.25
CA GLN B 180 4.53 -0.55 44.46
C GLN B 180 3.50 -0.13 43.44
N GLY B 181 3.63 -0.73 42.25
CA GLY B 181 2.77 -0.55 41.11
C GLY B 181 2.84 0.85 40.57
N HIS B 182 1.69 1.52 40.57
CA HIS B 182 1.53 2.87 40.06
C HIS B 182 0.68 3.66 41.08
N THR B 183 0.71 5.03 41.04
CA THR B 183 -0.08 5.88 41.97
C THR B 183 -1.59 5.76 41.68
N ASP B 184 -1.90 5.21 40.51
CA ASP B 184 -3.23 4.93 39.99
C ASP B 184 -3.16 3.54 39.37
N GLY B 185 -4.32 3.01 38.99
CA GLY B 185 -4.49 1.71 38.37
C GLY B 185 -3.43 1.20 37.41
N ALA B 186 -3.08 -0.10 37.51
CA ALA B 186 -2.14 -0.75 36.59
C ALA B 186 -2.99 -1.43 35.52
N SER B 187 -2.90 -0.92 34.28
CA SER B 187 -3.75 -1.35 33.18
C SER B 187 -3.20 -2.46 32.27
N CYS B 188 -1.87 -2.59 32.21
CA CYS B 188 -1.23 -3.52 31.31
C CYS B 188 0.09 -4.04 31.84
N ILE B 189 0.56 -5.16 31.26
CA ILE B 189 1.74 -5.89 31.71
C ILE B 189 2.39 -6.74 30.61
N ASP B 190 3.70 -6.97 30.75
CA ASP B 190 4.51 -7.86 29.91
C ASP B 190 5.80 -8.23 30.62
N ILE B 191 6.29 -9.44 30.33
CA ILE B 191 7.52 -10.00 30.88
C ILE B 191 8.59 -9.88 29.79
N SER B 192 9.81 -9.48 30.18
CA SER B 192 10.93 -9.35 29.25
C SER B 192 11.38 -10.72 28.70
N GLY B 195 13.37 -13.28 31.50
CA GLY B 195 12.12 -13.39 32.22
C GLY B 195 12.38 -12.91 33.62
N THR B 196 13.28 -11.90 33.64
CA THR B 196 13.87 -11.26 34.80
C THR B 196 13.38 -9.82 35.01
N LYS B 197 12.72 -9.20 34.00
CA LYS B 197 12.21 -7.82 34.08
C LYS B 197 10.73 -7.76 33.69
N LEU B 198 9.89 -7.21 34.57
CA LEU B 198 8.45 -7.04 34.40
C LEU B 198 8.23 -5.59 33.98
N TRP B 199 7.40 -5.36 32.93
CA TRP B 199 7.06 -4.03 32.45
C TRP B 199 5.57 -3.81 32.68
N THR B 200 5.21 -2.72 33.34
CA THR B 200 3.79 -2.44 33.63
C THR B 200 3.45 -1.03 33.20
N GLY B 201 2.23 -0.86 32.71
CA GLY B 201 1.69 0.42 32.28
C GLY B 201 0.58 0.81 33.23
N GLY B 202 0.26 2.10 33.30
CA GLY B 202 -0.78 2.56 34.21
C GLY B 202 -1.52 3.83 33.85
N LEU B 203 -2.58 4.09 34.62
CA LEU B 203 -3.46 5.26 34.49
C LEU B 203 -2.84 6.53 35.09
N ASP B 204 -1.61 6.42 35.63
CA ASP B 204 -0.84 7.52 36.19
C ASP B 204 0.17 8.10 35.15
N ASN B 205 -0.05 7.80 33.84
CA ASN B 205 0.75 8.27 32.72
C ASN B 205 2.20 7.79 32.77
N THR B 206 2.44 6.62 33.39
CA THR B 206 3.80 6.07 33.50
C THR B 206 3.92 4.62 33.05
N VAL B 207 5.14 4.24 32.65
CA VAL B 207 5.56 2.88 32.34
C VAL B 207 6.71 2.61 33.34
N ARG B 208 6.60 1.52 34.10
CA ARG B 208 7.63 1.20 35.09
C ARG B 208 8.18 -0.21 34.85
N SER B 209 9.49 -0.40 35.13
CA SER B 209 10.15 -1.70 34.99
C SER B 209 10.52 -2.21 36.35
N TRP B 210 10.37 -3.52 36.56
CA TRP B 210 10.59 -4.14 37.85
C TRP B 210 11.60 -5.26 37.78
N ASP B 211 12.50 -5.30 38.74
CA ASP B 211 13.50 -6.35 38.88
C ASP B 211 12.78 -7.53 39.53
N LEU B 212 12.58 -8.63 38.78
CA LEU B 212 11.89 -9.81 39.30
C LEU B 212 12.72 -10.62 40.29
N ARG B 213 14.06 -10.56 40.19
CA ARG B 213 14.96 -11.30 41.07
C ARG B 213 15.13 -10.62 42.43
N GLU B 214 15.30 -9.28 42.44
CA GLU B 214 15.53 -8.51 43.67
C GLU B 214 14.25 -7.88 44.25
N GLY B 215 13.17 -7.89 43.46
CA GLY B 215 11.87 -7.35 43.85
C GLY B 215 11.87 -5.87 44.17
N ARG B 216 12.16 -5.04 43.14
CA ARG B 216 12.26 -3.57 43.23
C ARG B 216 12.02 -2.91 41.85
N GLN B 217 11.77 -1.59 41.84
CA GLN B 217 11.53 -0.82 40.63
C GLN B 217 12.80 -0.28 40.01
N LEU B 218 13.05 -0.64 38.75
CA LEU B 218 14.22 -0.26 38.00
C LEU B 218 14.04 1.12 37.33
N GLN B 219 13.25 1.20 36.25
CA GLN B 219 13.06 2.43 35.48
C GLN B 219 11.64 3.02 35.56
N GLN B 220 11.51 4.27 35.09
CA GLN B 220 10.25 4.98 34.97
C GLN B 220 10.23 5.89 33.74
N HIS B 221 9.25 5.65 32.86
CA HIS B 221 9.01 6.46 31.66
C HIS B 221 7.70 7.23 31.89
N ASP B 222 7.78 8.57 31.83
CA ASP B 222 6.66 9.48 32.03
C ASP B 222 6.08 9.94 30.67
N PHE B 223 4.74 9.88 30.56
CA PHE B 223 3.98 10.22 29.35
C PHE B 223 2.97 11.34 29.59
N THR B 224 2.39 11.89 28.50
CA THR B 224 1.41 12.99 28.55
C THR B 224 -0.04 12.52 28.71
N SER B 225 -0.25 11.19 28.58
CA SER B 225 -1.59 10.58 28.71
C SER B 225 -1.46 9.17 29.26
N GLN B 226 -2.60 8.56 29.58
CA GLN B 226 -2.66 7.24 30.18
C GLN B 226 -2.23 6.13 29.23
N ILE B 227 -1.64 5.07 29.80
CA ILE B 227 -1.22 3.91 29.02
C ILE B 227 -2.31 2.86 29.19
N PHE B 228 -2.82 2.32 28.08
CA PHE B 228 -3.88 1.32 28.12
C PHE B 228 -3.34 -0.05 27.70
N SER B 229 -2.24 -0.05 26.94
CA SER B 229 -1.67 -1.30 26.47
C SER B 229 -0.16 -1.23 26.32
N LEU B 230 0.50 -2.38 26.41
CA LEU B 230 1.95 -2.42 26.25
C LEU B 230 2.46 -3.80 25.82
N GLY B 231 3.59 -3.78 25.14
CA GLY B 231 4.24 -5.00 24.70
C GLY B 231 5.74 -4.92 24.75
N TYR B 232 6.37 -6.03 25.10
CA TYR B 232 7.82 -6.11 25.09
C TYR B 232 8.23 -6.94 23.91
N CYS B 233 9.07 -6.40 23.04
CA CYS B 233 9.53 -7.10 21.82
C CYS B 233 10.23 -8.42 22.18
N PRO B 234 9.78 -9.57 21.62
CA PRO B 234 10.34 -10.88 22.01
C PRO B 234 11.82 -11.06 21.68
N THR B 235 12.37 -10.24 20.77
CA THR B 235 13.79 -10.32 20.47
C THR B 235 14.56 -9.25 21.27
N GLY B 236 13.86 -8.64 22.23
CA GLY B 236 14.41 -7.62 23.12
C GLY B 236 14.49 -6.25 22.49
N GLU B 237 15.03 -5.28 23.27
CA GLU B 237 15.28 -3.88 22.92
C GLU B 237 14.08 -2.95 23.00
N TRP B 238 12.93 -3.34 22.43
CA TRP B 238 11.81 -2.43 22.26
C TRP B 238 10.58 -2.70 23.10
N LEU B 239 9.96 -1.61 23.50
CA LEU B 239 8.73 -1.62 24.26
C LEU B 239 7.75 -0.75 23.50
N ALA B 240 6.60 -1.32 23.17
CA ALA B 240 5.53 -0.61 22.46
C ALA B 240 4.41 -0.29 23.46
N VAL B 241 3.97 0.97 23.45
CA VAL B 241 2.99 1.53 24.38
C VAL B 241 1.82 2.10 23.63
N GLY B 242 0.63 1.57 23.94
CA GLY B 242 -0.63 2.03 23.37
C GLY B 242 -1.28 2.99 24.35
N MET B 243 -1.63 4.20 23.90
CA MET B 243 -2.13 5.25 24.78
C MET B 243 -3.54 5.76 24.53
N GLU B 244 -4.06 6.51 25.53
CA GLU B 244 -5.38 7.16 25.56
C GLU B 244 -5.44 8.25 24.50
N SER B 245 -4.28 8.90 24.22
CA SER B 245 -4.11 10.00 23.24
C SER B 245 -4.35 9.55 21.81
N SER B 246 -4.39 8.21 21.58
CA SER B 246 -4.51 7.51 20.28
C SER B 246 -3.13 7.20 19.66
N ASN B 247 -2.05 7.66 20.30
CA ASN B 247 -0.70 7.44 19.82
C ASN B 247 -0.16 6.11 20.25
N VAL B 248 0.75 5.53 19.45
CA VAL B 248 1.50 4.34 19.83
C VAL B 248 2.94 4.86 19.91
N GLU B 249 3.64 4.53 20.98
CA GLU B 249 5.02 4.94 21.18
C GLU B 249 5.88 3.69 21.27
N VAL B 250 7.02 3.69 20.57
CA VAL B 250 7.96 2.58 20.60
C VAL B 250 9.22 3.15 21.21
N LEU B 251 9.56 2.71 22.42
CA LEU B 251 10.71 3.22 23.15
C LEU B 251 11.76 2.15 23.26
N HIS B 252 13.04 2.55 23.13
CA HIS B 252 14.10 1.59 23.35
C HIS B 252 14.25 1.50 24.87
N VAL B 253 14.44 0.28 25.36
CA VAL B 253 14.60 -0.05 26.78
C VAL B 253 15.75 0.73 27.43
N ASN B 254 16.90 0.90 26.73
CA ASN B 254 18.09 1.57 27.25
C ASN B 254 18.48 2.89 26.58
N LYS B 255 18.40 2.95 25.25
CA LYS B 255 18.76 4.15 24.47
C LYS B 255 17.69 5.26 24.59
N PRO B 256 18.00 6.55 24.28
CA PRO B 256 16.97 7.61 24.39
C PRO B 256 16.03 7.74 23.17
N ASP B 257 16.31 7.00 22.09
CA ASP B 257 15.51 7.04 20.87
C ASP B 257 14.12 6.44 21.04
N LYS B 258 13.12 7.14 20.48
CA LYS B 258 11.73 6.70 20.51
C LYS B 258 10.98 7.06 19.23
N TYR B 259 9.99 6.25 18.90
CA TYR B 259 9.14 6.47 17.73
C TYR B 259 7.71 6.73 18.19
N GLN B 260 7.01 7.63 17.49
CA GLN B 260 5.62 7.97 17.78
C GLN B 260 4.83 7.73 16.50
N LEU B 261 3.82 6.86 16.61
CA LEU B 261 3.01 6.37 15.51
C LEU B 261 1.60 6.93 15.58
N HIS B 262 1.09 7.47 14.47
CA HIS B 262 -0.21 8.14 14.44
C HIS B 262 -1.18 7.52 13.45
N LEU B 263 -1.53 6.24 13.61
CA LEU B 263 -2.52 5.71 12.67
C LEU B 263 -3.86 5.43 13.36
N HIS B 264 -3.98 5.83 14.62
CA HIS B 264 -5.24 5.71 15.33
C HIS B 264 -5.83 7.08 15.61
N GLU B 265 -7.16 7.16 15.48
CA GLU B 265 -7.97 8.34 15.74
C GLU B 265 -8.57 8.31 17.15
N SER B 266 -8.40 7.17 17.88
CA SER B 266 -8.95 7.00 19.22
C SER B 266 -8.06 6.12 20.12
N CYS B 267 -8.43 5.92 21.41
CA CYS B 267 -7.68 5.11 22.39
C CYS B 267 -7.10 3.83 21.79
N VAL B 268 -5.84 3.53 22.11
CA VAL B 268 -5.23 2.29 21.63
C VAL B 268 -5.50 1.31 22.78
N LEU B 269 -6.46 0.39 22.58
CA LEU B 269 -6.92 -0.51 23.66
C LEU B 269 -6.08 -1.77 23.87
N SER B 270 -5.51 -2.36 22.79
CA SER B 270 -4.62 -3.51 22.94
C SER B 270 -3.44 -3.40 21.97
N LEU B 271 -2.39 -4.19 22.22
CA LEU B 271 -1.12 -4.15 21.51
C LEU B 271 -0.52 -5.53 21.69
N LYS B 272 0.05 -6.14 20.62
CA LYS B 272 0.69 -7.46 20.74
C LYS B 272 1.76 -7.65 19.69
N PHE B 273 2.98 -8.04 20.12
CA PHE B 273 4.08 -8.31 19.20
C PHE B 273 3.90 -9.70 18.62
N ALA B 274 4.27 -9.90 17.36
CA ALA B 274 4.41 -11.24 16.81
C ALA B 274 5.64 -11.89 17.56
N TYR B 275 5.65 -13.23 17.71
CA TYR B 275 6.68 -13.98 18.39
C TYR B 275 8.10 -13.86 17.78
N CYS B 276 8.21 -13.59 16.47
CA CYS B 276 9.49 -13.37 15.77
C CYS B 276 10.04 -11.98 16.10
N GLY B 277 9.17 -11.12 16.66
CA GLY B 277 9.47 -9.75 17.07
C GLY B 277 9.58 -8.71 15.98
N LYS B 278 9.47 -9.13 14.70
CA LYS B 278 9.64 -8.26 13.52
C LYS B 278 8.48 -7.32 13.27
N TRP B 279 7.32 -7.68 13.75
CA TRP B 279 6.14 -6.89 13.54
C TRP B 279 5.24 -6.98 14.76
N PHE B 280 4.31 -6.04 14.91
CA PHE B 280 3.34 -6.00 16.01
C PHE B 280 2.01 -5.46 15.57
N VAL B 281 0.92 -5.73 16.34
CA VAL B 281 -0.43 -5.24 16.04
C VAL B 281 -0.91 -4.35 17.17
N SER B 282 -1.78 -3.40 16.87
CA SER B 282 -2.43 -2.51 17.82
C SER B 282 -3.88 -2.37 17.39
N THR B 283 -4.79 -2.22 18.38
CA THR B 283 -6.23 -2.18 18.19
C THR B 283 -6.78 -0.97 18.88
N GLY B 284 -7.78 -0.38 18.28
CA GLY B 284 -8.36 0.83 18.83
C GLY B 284 -9.87 0.90 18.96
N LYS B 285 -10.29 1.86 19.76
CA LYS B 285 -11.68 2.22 19.97
C LYS B 285 -12.19 2.74 18.59
N ASP B 286 -11.26 3.19 17.70
CA ASP B 286 -11.54 3.70 16.35
C ASP B 286 -11.88 2.62 15.31
N ASN B 287 -12.10 1.33 15.74
CA ASN B 287 -12.49 0.17 14.90
C ASN B 287 -11.38 -0.32 13.99
N LEU B 288 -10.16 -0.03 14.34
CA LEU B 288 -9.05 -0.36 13.49
C LEU B 288 -8.08 -1.32 14.13
N LEU B 289 -7.60 -2.26 13.32
CA LEU B 289 -6.52 -3.17 13.66
C LEU B 289 -5.34 -2.76 12.73
N ASN B 290 -4.21 -2.34 13.32
CA ASN B 290 -3.06 -1.92 12.54
C ASN B 290 -1.89 -2.85 12.75
N ALA B 291 -1.19 -3.26 11.68
CA ALA B 291 0.03 -4.07 11.79
C ALA B 291 1.19 -3.13 11.48
N TRP B 292 2.26 -3.23 12.27
CA TRP B 292 3.38 -2.30 12.23
C TRP B 292 4.69 -3.03 12.15
N ARG B 293 5.68 -2.40 11.54
CA ARG B 293 7.05 -2.91 11.47
C ARG B 293 7.78 -2.50 12.76
N THR B 294 8.51 -3.42 13.36
CA THR B 294 9.32 -3.12 14.53
C THR B 294 10.66 -2.58 14.03
N PRO B 295 11.18 -1.47 14.58
CA PRO B 295 10.61 -0.62 15.63
C PRO B 295 9.99 0.69 15.18
N TYR B 296 10.32 1.20 13.98
CA TYR B 296 9.91 2.53 13.51
C TYR B 296 8.45 2.66 13.05
N GLY B 297 7.69 1.57 13.11
CA GLY B 297 6.26 1.60 12.79
C GLY B 297 5.83 1.85 11.37
N ALA B 298 6.42 1.14 10.40
CA ALA B 298 5.94 1.25 9.01
C ALA B 298 4.61 0.47 8.96
N SER B 299 3.60 0.98 8.24
CA SER B 299 2.28 0.34 8.14
C SER B 299 2.24 -0.86 7.18
N ILE B 300 2.18 -2.09 7.73
CA ILE B 300 2.21 -3.37 7.00
C ILE B 300 0.85 -3.71 6.42
N PHE B 301 -0.19 -3.62 7.26
CA PHE B 301 -1.59 -3.80 6.88
C PHE B 301 -2.48 -3.14 7.92
N GLN B 302 -3.71 -2.85 7.53
CA GLN B 302 -4.75 -2.26 8.36
C GLN B 302 -6.03 -3.01 8.06
N SER B 303 -6.78 -3.32 9.08
CA SER B 303 -8.07 -3.97 8.93
C SER B 303 -9.08 -3.14 9.69
N LYS B 304 -10.16 -2.76 9.02
CA LYS B 304 -11.23 -1.99 9.63
C LYS B 304 -12.32 -2.96 10.06
N GLU B 305 -12.73 -2.88 11.31
CA GLU B 305 -13.77 -3.76 11.85
C GLU B 305 -15.06 -2.98 12.04
N SER B 306 -16.16 -3.69 12.38
CA SER B 306 -17.48 -3.10 12.55
C SER B 306 -17.63 -2.33 13.86
N SER B 307 -16.72 -2.53 14.83
CA SER B 307 -16.79 -1.84 16.12
C SER B 307 -15.41 -1.72 16.76
N SER B 308 -15.35 -1.15 17.99
CA SER B 308 -14.11 -1.00 18.71
C SER B 308 -13.44 -2.38 18.87
N VAL B 309 -12.12 -2.41 18.73
CA VAL B 309 -11.33 -3.63 18.82
C VAL B 309 -10.62 -3.58 20.17
N LEU B 310 -11.09 -4.40 21.10
CA LEU B 310 -10.70 -4.32 22.50
C LEU B 310 -9.54 -5.16 22.93
N SER B 311 -9.32 -6.26 22.25
CA SER B 311 -8.35 -7.25 22.62
C SER B 311 -7.83 -7.95 21.41
N CYS B 312 -6.64 -8.53 21.51
CA CYS B 312 -6.03 -9.24 20.39
C CYS B 312 -5.05 -10.24 20.91
N ASP B 313 -4.78 -11.27 20.13
CA ASP B 313 -3.77 -12.30 20.41
C ASP B 313 -3.23 -12.74 19.06
N ILE B 314 -2.00 -13.23 19.06
CA ILE B 314 -1.31 -13.74 17.87
C ILE B 314 -0.90 -15.15 18.28
N SER B 315 -1.07 -16.14 17.40
CA SER B 315 -0.66 -17.50 17.71
C SER B 315 0.90 -17.58 17.82
N VAL B 316 1.42 -18.59 18.51
CA VAL B 316 2.85 -18.72 18.78
C VAL B 316 3.71 -18.89 17.50
N ASP B 317 3.08 -19.35 16.42
CA ASP B 317 3.69 -19.59 15.11
C ASP B 317 3.51 -18.35 14.20
N ASP B 318 2.78 -17.31 14.67
CA ASP B 318 2.55 -16.08 13.92
C ASP B 318 1.61 -16.25 12.67
N LYS B 319 0.83 -17.37 12.62
CA LYS B 319 -0.08 -17.68 11.50
C LYS B 319 -1.48 -17.07 11.66
N TYR B 320 -1.90 -16.77 12.89
CA TYR B 320 -3.25 -16.28 13.14
C TYR B 320 -3.28 -15.11 14.08
N ILE B 321 -4.27 -14.25 13.89
CA ILE B 321 -4.55 -13.13 14.78
C ILE B 321 -6.00 -13.27 15.17
N VAL B 322 -6.30 -13.09 16.44
CA VAL B 322 -7.69 -13.10 16.92
C VAL B 322 -7.92 -11.75 17.56
N THR B 323 -9.04 -11.12 17.24
CA THR B 323 -9.43 -9.84 17.85
C THR B 323 -10.79 -9.98 18.51
N GLY B 324 -10.95 -9.29 19.63
CA GLY B 324 -12.18 -9.18 20.40
C GLY B 324 -12.80 -7.83 20.09
N SER B 325 -14.12 -7.83 19.88
CA SER B 325 -14.84 -6.67 19.42
C SER B 325 -15.97 -6.16 20.32
N GLY B 326 -16.23 -4.86 20.21
CA GLY B 326 -17.34 -4.18 20.85
C GLY B 326 -18.67 -4.58 20.23
N ASP B 327 -18.63 -5.15 19.01
CA ASP B 327 -19.81 -5.70 18.32
C ASP B 327 -20.20 -7.10 18.86
N LYS B 328 -19.66 -7.48 20.03
CA LYS B 328 -19.98 -8.70 20.78
C LYS B 328 -19.60 -10.00 20.06
N LYS B 329 -18.42 -9.99 19.47
CA LYS B 329 -17.83 -11.10 18.72
C LYS B 329 -16.30 -11.08 18.76
N ALA B 330 -15.69 -12.10 18.17
CA ALA B 330 -14.27 -12.19 17.96
C ALA B 330 -14.08 -12.56 16.48
N THR B 331 -12.95 -12.14 15.87
CA THR B 331 -12.61 -12.41 14.48
C THR B 331 -11.29 -13.11 14.45
N VAL B 332 -11.17 -14.10 13.59
CA VAL B 332 -9.95 -14.85 13.38
C VAL B 332 -9.48 -14.47 12.00
N TYR B 333 -8.21 -14.08 11.93
CA TYR B 333 -7.52 -13.75 10.70
C TYR B 333 -6.38 -14.72 10.50
N GLU B 334 -6.17 -15.11 9.25
CA GLU B 334 -5.04 -15.90 8.83
C GLU B 334 -4.04 -14.87 8.26
N VAL B 335 -2.81 -14.86 8.82
CA VAL B 335 -1.73 -13.98 8.41
C VAL B 335 -1.12 -14.66 7.18
N ILE B 336 -1.09 -13.94 6.05
CA ILE B 336 -0.57 -14.47 4.79
C ILE B 336 0.82 -13.88 4.51
N TYR B 337 1.80 -14.76 4.32
CA TYR B 337 3.15 -14.36 4.04
C TYR B 337 3.49 -14.42 2.53
S DMS C . 10.03 22.93 -12.16
O DMS C . 8.67 22.36 -12.09
C1 DMS C . 9.92 24.27 -13.29
C2 DMS C . 10.20 23.88 -10.65
N1 EBU D . -12.04 9.62 -35.04
N2 EBU D . -12.25 8.92 -31.68
N3 EBU D . -13.40 14.20 -31.87
N4 EBU D . -15.43 15.41 -31.28
O5 EBU D . -13.99 10.40 -34.18
C1 EBU D . -13.06 10.48 -35.00
C EBU D . -13.03 11.60 -36.07
C39 EBU D . -11.98 12.64 -35.75
C40 EBU D . -11.84 13.71 -36.80
C45 EBU D . -12.50 14.93 -36.66
C44 EBU D . -12.28 15.96 -37.57
C43 EBU D . -11.41 15.78 -38.63
C42 EBU D . -10.77 14.56 -38.79
C41 EBU D . -11.00 13.53 -37.90
N EBU D . -14.36 12.25 -36.13
C2 EBU D . -11.94 8.52 -34.08
C26 EBU D . -11.08 7.37 -34.65
C27 EBU D . -10.75 6.32 -33.64
C34 EBU D . -9.57 6.21 -32.83
C35 EBU D . -8.37 6.94 -32.76
C36 EBU D . -7.43 6.62 -31.78
C37 EBU D . -7.66 5.60 -30.88
C38 EBU D . -8.83 4.86 -30.95
C33 EBU D . -9.79 5.17 -31.93
N9 EBU D . -11.03 4.64 -32.19
C28 EBU D . -11.60 5.33 -33.22
C29 EBU D . -11.67 3.48 -31.54
C30 EBU D . -12.09 3.75 -30.11
C31 EBU D . -12.52 5.18 -29.79
C32 EBU D . -12.56 5.45 -28.29
C13 EBU D . -11.58 6.68 -27.85
C12 EBU D . -10.18 6.03 -27.87
C11 EBU D . -9.25 7.22 -27.92
C10 EBU D . -9.95 8.20 -28.83
N6 EBU D . -11.38 7.88 -28.67
C9 EBU D . -12.37 8.56 -29.32
O3 EBU D . -13.54 8.35 -29.12
C4 EBU D . -12.00 9.57 -30.41
C5 EBU D . -12.92 10.79 -30.21
C6 EBU D . -12.71 11.94 -31.20
C7 EBU D . -13.69 13.07 -30.99
C8 EBU D . -14.23 15.36 -32.05
N5 EBU D . -13.83 16.28 -32.89
C3 EBU D . -11.43 9.05 -32.73
O4 EBU D . -10.35 9.62 -32.66
C14 EBU D . -12.16 7.06 -26.39
O2 EBU D . -12.36 6.18 -25.55
N7 EBU D . -12.34 8.35 -26.12
C15 EBU D . -12.39 8.82 -24.74
C16 EBU D . -13.81 8.96 -24.21
O1 EBU D . -14.76 9.34 -24.88
O EBU D . -13.90 8.65 -22.93
C17 EBU D . -11.57 10.10 -24.59
C18 EBU D . -12.03 11.29 -25.37
C21 EBU D . -11.39 11.87 -26.53
C22 EBU D . -10.31 11.48 -27.33
C23 EBU D . -9.91 12.30 -28.38
C24 EBU D . -10.57 13.50 -28.63
C25 EBU D . -11.64 13.91 -27.84
C20 EBU D . -12.04 13.09 -26.80
N8 EBU D . -13.05 13.23 -25.87
C19 EBU D . -13.03 12.15 -25.04
N1 EBU E . -13.46 0.07 35.51
N2 EBU E . -13.66 0.77 32.29
N3 EBU E . -17.34 -3.07 32.71
N4 EBU E . -19.65 -2.33 32.98
O5 EBU E . -15.44 1.12 35.24
C1 EBU E . -14.79 0.16 35.64
C EBU E . -15.58 -1.05 36.27
C39 EBU E . -16.34 -0.61 37.54
N EBU E . -14.69 -2.19 36.58
C2 EBU E . -12.72 0.89 34.54
C26 EBU E . -11.28 1.18 34.97
C27 EBU E . -10.43 1.80 33.90
C34 EBU E . -9.47 1.13 33.06
C35 EBU E . -8.96 -0.16 33.02
C36 EBU E . -8.00 -0.50 32.07
C37 EBU E . -7.56 0.44 31.15
C38 EBU E . -8.06 1.73 31.17
C33 EBU E . -9.02 2.07 32.12
N9 EBU E . -9.67 3.26 32.38
C28 EBU E . -10.50 3.09 33.46
C29 EBU E . -9.51 4.51 31.62
C30 EBU E . -10.75 4.88 30.79
C31 EBU E . -11.53 3.71 30.16
C32 EBU E . -11.07 3.31 28.76
C13 EBU E . -11.62 1.83 28.34
C12 EBU E . -10.23 1.17 28.19
C11 EBU E . -10.53 -0.30 28.38
C10 EBU E . -11.51 -0.30 29.51
N6 EBU E . -12.31 0.91 29.25
C9 EBU E . -13.52 1.10 29.86
O3 EBU E . -14.26 2.02 29.56
C4 EBU E . -13.92 0.15 31.00
C5 EBU E . -15.37 -0.34 30.90
C6 EBU E . -15.64 -1.50 31.85
C7 EBU E . -17.04 -2.04 31.71
C8 EBU E . -18.67 -3.34 33.19
N5 EBU E . -18.91 -4.49 33.79
C3 EBU E . -12.79 0.22 33.16
O4 EBU E . -12.12 -0.77 32.92
C14 EBU E . -12.55 2.04 27.02
O2 EBU E . -12.46 3.06 26.33
N7 EBU E . -13.39 1.04 26.73
C15 EBU E . -14.36 1.12 25.66
C16 EBU E . -15.68 1.76 26.11
O1 EBU E . -16.15 1.60 27.23
O EBU E . -16.26 2.45 25.15
C17 EBU E . -14.62 -0.26 25.03
C18 EBU E . -15.38 -1.20 25.91
C21 EBU E . -14.87 -2.02 26.96
C22 EBU E . -13.60 -2.26 27.49
C23 EBU E . -13.43 -3.12 28.56
C24 EBU E . -14.53 -3.76 29.13
C25 EBU E . -15.81 -3.56 28.62
C20 EBU E . -15.97 -2.70 27.54
N8 EBU E . -17.09 -2.31 26.85
C19 EBU E . -16.73 -1.42 25.89
#